data_1JP7
#
_entry.id   1JP7
#
_cell.length_a   102.10
_cell.length_b   174.31
_cell.length_c   86.97
_cell.angle_alpha   90.0
_cell.angle_beta   90.0
_cell.angle_gamma   90.0
#
_symmetry.space_group_name_H-M   'C 2 2 21'
#
loop_
_entity.id
_entity.type
_entity.pdbx_description
1 polymer "5'-deoxy-5'-methylthioadenosine phosphorylase"
2 non-polymer 'SULFATE ION'
#
_entity_poly.entity_id   1
_entity_poly.type   'polypeptide(L)'
_entity_poly.pdbx_seq_one_letter_code
;MNPVHILAKKGEVAERVLVVGDPGRARLLSTLLQNPKLTNENRGFLVYTGKYNGETVSIATHGIGGPSIAIVLEELAMLG
ANVFIRYGTTGALVPYINLGEYIIVTGASYNQGGLFYQYLRDNACVASTPDFELTNKLVTSFSKRNLKYYVGNVFSSDAF
YAEDEEFVKKWSSRGNIAVEMECATLFTLSKVKGWKSATVLVVSDNLAKGGIWITKEELEKSVMDGAKAVLDTLTS
;
_entity_poly.pdbx_strand_id   A,B,C
#
loop_
_chem_comp.id
_chem_comp.type
_chem_comp.name
_chem_comp.formula
SO4 non-polymer 'SULFATE ION' 'O4 S -2'
#
# COMPACT_ATOMS: atom_id res chain seq x y z
N PRO A 3 -21.91 24.24 20.19
CA PRO A 3 -22.52 22.89 20.23
C PRO A 3 -24.03 22.97 20.46
N VAL A 4 -24.79 22.22 19.67
CA VAL A 4 -26.24 22.24 19.82
C VAL A 4 -26.81 20.95 20.39
N HIS A 5 -26.00 19.91 20.48
CA HIS A 5 -26.45 18.63 21.02
C HIS A 5 -25.96 18.40 22.44
N ILE A 6 -24.65 18.55 22.65
CA ILE A 6 -24.07 18.39 23.97
C ILE A 6 -24.11 19.79 24.59
N LEU A 7 -25.04 19.99 25.51
CA LEU A 7 -25.22 21.29 26.16
C LEU A 7 -24.41 21.50 27.43
N ALA A 8 -23.23 20.90 27.50
CA ALA A 8 -22.37 21.07 28.66
C ALA A 8 -21.66 22.41 28.47
N LYS A 9 -21.26 23.04 29.56
CA LYS A 9 -20.58 24.32 29.46
C LYS A 9 -19.07 24.11 29.46
N LYS A 10 -18.34 25.05 28.87
CA LYS A 10 -16.89 24.93 28.80
C LYS A 10 -16.34 24.77 30.21
N GLY A 11 -15.40 23.84 30.38
CA GLY A 11 -14.83 23.61 31.69
C GLY A 11 -15.51 22.44 32.38
N GLU A 12 -16.60 21.96 31.78
CA GLU A 12 -17.35 20.83 32.33
C GLU A 12 -16.93 19.53 31.67
N VAL A 13 -16.23 19.62 30.54
CA VAL A 13 -15.75 18.44 29.83
C VAL A 13 -14.24 18.38 29.95
N ALA A 14 -13.72 17.20 30.29
CA ALA A 14 -12.29 17.01 30.47
C ALA A 14 -11.56 16.82 29.14
N GLU A 15 -10.23 16.94 29.18
CA GLU A 15 -9.43 16.74 27.98
C GLU A 15 -9.48 15.26 27.63
N ARG A 16 -9.49 14.43 28.68
CA ARG A 16 -9.52 12.97 28.55
C ARG A 16 -10.95 12.48 28.62
N VAL A 17 -11.40 11.79 27.57
CA VAL A 17 -12.77 11.30 27.54
C VAL A 17 -12.91 9.84 27.15
N LEU A 18 -13.64 9.09 27.97
CA LEU A 18 -13.93 7.68 27.67
C LEU A 18 -15.31 7.76 27.03
N VAL A 19 -15.42 7.32 25.79
CA VAL A 19 -16.71 7.39 25.10
C VAL A 19 -17.36 6.02 24.90
N VAL A 20 -18.66 5.94 25.15
CA VAL A 20 -19.40 4.68 25.01
C VAL A 20 -20.68 4.97 24.23
N GLY A 21 -21.18 3.96 23.51
CA GLY A 21 -22.38 4.17 22.73
C GLY A 21 -23.67 4.19 23.52
N ASP A 22 -23.73 3.38 24.56
CA ASP A 22 -24.91 3.24 25.41
C ASP A 22 -24.95 4.24 26.57
N PRO A 23 -26.00 5.08 26.63
CA PRO A 23 -26.05 6.04 27.74
C PRO A 23 -26.14 5.32 29.08
N GLY A 24 -26.68 4.10 29.05
CA GLY A 24 -26.79 3.30 30.25
C GLY A 24 -25.42 2.87 30.73
N ARG A 25 -24.52 2.60 29.78
CA ARG A 25 -23.17 2.20 30.14
C ARG A 25 -22.43 3.38 30.75
N ALA A 26 -22.63 4.58 30.20
CA ALA A 26 -21.96 5.76 30.72
C ALA A 26 -22.36 5.96 32.19
N ARG A 27 -23.65 5.82 32.47
CA ARG A 27 -24.14 5.99 33.84
C ARG A 27 -23.50 4.96 34.75
N LEU A 28 -23.49 3.71 34.30
CA LEU A 28 -22.92 2.61 35.08
C LEU A 28 -21.42 2.78 35.31
N LEU A 29 -20.70 3.29 34.31
CA LEU A 29 -19.26 3.47 34.46
C LEU A 29 -18.87 4.72 35.24
N SER A 30 -19.79 5.67 35.34
CA SER A 30 -19.50 6.90 36.07
C SER A 30 -19.22 6.59 37.54
N THR A 31 -19.69 5.43 38.01
CA THR A 31 -19.49 5.04 39.40
C THR A 31 -18.03 4.71 39.68
N LEU A 32 -17.21 4.66 38.65
CA LEU A 32 -15.78 4.36 38.79
C LEU A 32 -15.00 5.65 39.03
N LEU A 33 -15.64 6.78 38.76
CA LEU A 33 -14.99 8.07 38.95
C LEU A 33 -15.22 8.57 40.37
N GLN A 34 -14.40 9.52 40.79
CA GLN A 34 -14.54 10.12 42.12
C GLN A 34 -15.40 11.36 41.93
N ASN A 35 -16.45 11.50 42.73
CA ASN A 35 -17.34 12.66 42.67
C ASN A 35 -17.90 12.93 41.28
N PRO A 36 -18.48 11.90 40.64
CA PRO A 36 -19.06 11.99 39.29
C PRO A 36 -20.19 13.02 39.20
N LYS A 37 -20.12 13.88 38.18
CA LYS A 37 -21.16 14.90 37.98
C LYS A 37 -21.71 14.85 36.55
N LEU A 38 -23.04 14.82 36.44
CA LEU A 38 -23.69 14.79 35.13
C LEU A 38 -23.60 16.19 34.52
N THR A 39 -22.83 16.32 33.45
CA THR A 39 -22.65 17.60 32.78
C THR A 39 -23.51 17.77 31.52
N ASN A 40 -24.28 16.75 31.17
CA ASN A 40 -25.21 16.83 30.03
C ASN A 40 -26.08 15.60 29.87
N GLU A 41 -27.33 15.83 29.49
CA GLU A 41 -28.29 14.76 29.26
C GLU A 41 -29.11 15.06 28.01
N ASN A 42 -28.88 16.22 27.40
CA ASN A 42 -29.60 16.61 26.19
C ASN A 42 -29.52 15.53 25.11
N ARG A 43 -30.63 15.33 24.44
CA ARG A 43 -30.75 14.33 23.37
C ARG A 43 -30.28 12.96 23.80
N GLY A 44 -30.33 12.73 25.11
CA GLY A 44 -29.93 11.45 25.65
C GLY A 44 -28.43 11.19 25.68
N PHE A 45 -27.63 12.17 25.27
CA PHE A 45 -26.18 11.98 25.27
C PHE A 45 -25.58 12.27 26.66
N LEU A 46 -25.70 11.31 27.57
CA LEU A 46 -25.20 11.50 28.93
C LEU A 46 -23.68 11.69 29.01
N VAL A 47 -23.26 12.76 29.68
CA VAL A 47 -21.83 13.03 29.85
C VAL A 47 -21.54 13.25 31.33
N TYR A 48 -20.68 12.40 31.89
CA TYR A 48 -20.30 12.54 33.30
C TYR A 48 -18.85 13.00 33.38
N THR A 49 -18.55 13.81 34.39
CA THR A 49 -17.19 14.31 34.57
C THR A 49 -16.79 14.11 36.02
N GLY A 50 -15.63 13.52 36.25
CA GLY A 50 -15.15 13.30 37.60
C GLY A 50 -13.64 13.13 37.61
N LYS A 51 -13.11 12.51 38.67
CA LYS A 51 -11.67 12.30 38.75
C LYS A 51 -11.32 10.83 38.84
N TYR A 52 -10.08 10.52 38.47
CA TYR A 52 -9.59 9.16 38.48
C TYR A 52 -8.06 9.19 38.46
N ASN A 53 -7.43 8.53 39.42
CA ASN A 53 -5.97 8.53 39.46
C ASN A 53 -5.40 9.94 39.45
N GLY A 54 -6.05 10.84 40.17
CA GLY A 54 -5.58 12.22 40.23
C GLY A 54 -5.74 12.99 38.93
N GLU A 55 -6.62 12.53 38.06
CA GLU A 55 -6.84 13.20 36.78
C GLU A 55 -8.33 13.39 36.54
N THR A 56 -8.70 14.50 35.90
CA THR A 56 -10.10 14.78 35.59
C THR A 56 -10.42 14.01 34.31
N VAL A 57 -11.52 13.26 34.33
CA VAL A 57 -11.93 12.46 33.18
C VAL A 57 -13.43 12.56 32.95
N SER A 58 -13.84 12.48 31.70
CA SER A 58 -15.25 12.52 31.38
C SER A 58 -15.63 11.21 30.70
N ILE A 59 -16.87 10.80 30.90
CA ILE A 59 -17.39 9.59 30.26
C ILE A 59 -18.59 10.11 29.48
N ALA A 60 -18.53 9.96 28.15
CA ALA A 60 -19.59 10.46 27.30
C ALA A 60 -20.26 9.41 26.43
N THR A 61 -21.54 9.63 26.16
CA THR A 61 -22.35 8.75 25.32
C THR A 61 -22.25 9.20 23.86
N HIS A 62 -22.05 8.27 22.93
CA HIS A 62 -21.97 8.68 21.53
C HIS A 62 -23.08 8.14 20.61
N GLY A 63 -24.01 7.36 21.15
CA GLY A 63 -25.08 6.82 20.34
C GLY A 63 -24.58 5.76 19.37
N ILE A 64 -25.36 5.44 18.34
CA ILE A 64 -24.95 4.43 17.37
C ILE A 64 -24.67 4.97 15.98
N GLY A 65 -23.53 4.58 15.40
CA GLY A 65 -23.19 4.99 14.05
C GLY A 65 -22.21 6.14 13.89
N GLY A 66 -21.55 6.17 12.73
CA GLY A 66 -20.58 7.21 12.44
C GLY A 66 -21.13 8.63 12.55
N PRO A 67 -22.28 8.94 11.93
CA PRO A 67 -22.83 10.30 12.03
C PRO A 67 -23.03 10.76 13.46
N SER A 68 -23.55 9.87 14.29
CA SER A 68 -23.79 10.20 15.68
C SER A 68 -22.50 10.42 16.47
N ILE A 69 -21.55 9.49 16.36
CA ILE A 69 -20.30 9.67 17.09
C ILE A 69 -19.54 10.90 16.56
N ALA A 70 -19.65 11.18 15.27
CA ALA A 70 -18.96 12.33 14.69
C ALA A 70 -19.43 13.64 15.36
N ILE A 71 -20.74 13.77 15.53
CA ILE A 71 -21.31 14.96 16.17
C ILE A 71 -20.84 15.08 17.61
N VAL A 72 -20.90 13.98 18.35
CA VAL A 72 -20.47 13.99 19.74
C VAL A 72 -19.00 14.34 19.92
N LEU A 73 -18.14 13.74 19.10
CA LEU A 73 -16.71 14.01 19.19
C LEU A 73 -16.43 15.49 18.85
N GLU A 74 -17.04 15.97 17.77
CA GLU A 74 -16.85 17.35 17.36
C GLU A 74 -17.23 18.34 18.46
N GLU A 75 -18.35 18.08 19.13
CA GLU A 75 -18.80 18.97 20.18
C GLU A 75 -17.99 18.86 21.47
N LEU A 76 -17.59 17.65 21.84
CA LEU A 76 -16.77 17.49 23.03
C LEU A 76 -15.45 18.21 22.79
N ALA A 77 -14.93 18.10 21.58
CA ALA A 77 -13.67 18.75 21.22
C ALA A 77 -13.80 20.26 21.33
N MET A 78 -14.96 20.79 20.95
CA MET A 78 -15.21 22.24 21.03
C MET A 78 -15.30 22.67 22.48
N LEU A 79 -15.46 21.70 23.36
CA LEU A 79 -15.56 21.98 24.79
C LEU A 79 -14.23 21.67 25.49
N GLY A 80 -13.20 21.41 24.69
CA GLY A 80 -11.89 21.15 25.26
C GLY A 80 -11.36 19.72 25.27
N ALA A 81 -12.14 18.76 24.78
CA ALA A 81 -11.67 17.36 24.76
C ALA A 81 -10.68 17.16 23.61
N ASN A 82 -9.66 16.34 23.82
CA ASN A 82 -8.69 16.05 22.77
C ASN A 82 -8.13 14.63 22.80
N VAL A 83 -8.53 13.84 23.80
CA VAL A 83 -8.08 12.45 23.93
C VAL A 83 -9.33 11.59 24.13
N PHE A 84 -9.59 10.69 23.19
CA PHE A 84 -10.77 9.85 23.28
C PHE A 84 -10.49 8.37 23.23
N ILE A 85 -11.05 7.60 24.16
CA ILE A 85 -10.91 6.15 24.09
C ILE A 85 -12.32 5.58 24.09
N ARG A 86 -12.69 4.98 22.97
CA ARG A 86 -13.99 4.37 22.81
C ARG A 86 -13.96 3.00 23.47
N TYR A 87 -14.98 2.71 24.26
CA TYR A 87 -15.10 1.42 24.94
C TYR A 87 -16.46 0.88 24.53
N GLY A 88 -16.46 -0.04 23.57
CA GLY A 88 -17.74 -0.56 23.10
C GLY A 88 -17.91 -2.06 23.17
N THR A 89 -18.93 -2.54 22.47
CA THR A 89 -19.26 -3.95 22.44
C THR A 89 -19.08 -4.39 20.99
N THR A 90 -18.72 -5.65 20.77
CA THR A 90 -18.49 -6.11 19.42
C THR A 90 -18.77 -7.59 19.19
N GLY A 91 -18.91 -7.95 17.91
CA GLY A 91 -19.12 -9.33 17.54
C GLY A 91 -17.85 -9.83 16.87
N ALA A 92 -17.24 -10.86 17.45
CA ALA A 92 -16.01 -11.41 16.89
C ALA A 92 -16.25 -12.06 15.54
N LEU A 93 -15.26 -11.98 14.66
CA LEU A 93 -15.35 -12.56 13.33
C LEU A 93 -14.49 -13.81 13.19
N VAL A 94 -13.79 -14.17 14.26
CA VAL A 94 -12.91 -15.34 14.26
C VAL A 94 -13.32 -16.28 15.41
N PRO A 95 -13.25 -17.60 15.17
CA PRO A 95 -13.60 -18.66 16.12
C PRO A 95 -12.91 -18.67 17.50
N TYR A 96 -11.62 -18.38 17.52
CA TYR A 96 -10.83 -18.44 18.74
C TYR A 96 -11.04 -17.38 19.81
N ILE A 97 -11.82 -16.35 19.53
CA ILE A 97 -12.07 -15.29 20.51
C ILE A 97 -13.34 -15.62 21.28
N ASN A 98 -13.23 -15.70 22.61
CA ASN A 98 -14.35 -16.03 23.48
C ASN A 98 -15.11 -14.83 24.00
N LEU A 99 -16.39 -15.05 24.32
CA LEU A 99 -17.25 -13.99 24.84
C LEU A 99 -16.69 -13.42 26.13
N GLY A 100 -16.77 -12.10 26.29
CA GLY A 100 -16.27 -11.48 27.49
C GLY A 100 -14.80 -11.09 27.41
N GLU A 101 -14.11 -11.53 26.37
CA GLU A 101 -12.71 -11.18 26.19
C GLU A 101 -12.66 -9.84 25.44
N TYR A 102 -11.49 -9.23 25.37
CA TYR A 102 -11.38 -7.92 24.72
C TYR A 102 -10.57 -7.86 23.44
N ILE A 103 -10.89 -6.85 22.64
CA ILE A 103 -10.18 -6.63 21.40
C ILE A 103 -9.67 -5.19 21.45
N ILE A 104 -8.35 -5.02 21.37
CA ILE A 104 -7.75 -3.70 21.37
C ILE A 104 -7.59 -3.43 19.87
N VAL A 105 -8.27 -2.40 19.39
CA VAL A 105 -8.31 -2.07 17.97
C VAL A 105 -7.10 -1.33 17.40
N THR A 106 -6.55 -1.88 16.33
CA THR A 106 -5.38 -1.32 15.65
C THR A 106 -5.70 -0.63 14.33
N GLY A 107 -6.95 -0.74 13.89
CA GLY A 107 -7.34 -0.13 12.63
C GLY A 107 -8.79 -0.46 12.32
N ALA A 108 -9.37 0.27 11.39
CA ALA A 108 -10.76 0.05 11.04
C ALA A 108 -10.98 0.01 9.53
N SER A 109 -11.61 -1.07 9.06
CA SER A 109 -11.94 -1.18 7.65
C SER A 109 -13.32 -0.53 7.54
N TYR A 110 -13.65 -0.01 6.37
CA TYR A 110 -14.95 0.63 6.21
C TYR A 110 -15.29 0.79 4.76
N ASN A 111 -16.57 0.99 4.47
CA ASN A 111 -17.02 1.21 3.10
C ASN A 111 -17.03 2.72 2.89
N GLN A 112 -16.54 3.19 1.74
CA GLN A 112 -16.48 4.61 1.43
C GLN A 112 -17.86 5.23 1.30
N GLY A 113 -17.88 6.55 1.13
CA GLY A 113 -19.15 7.25 0.96
C GLY A 113 -19.51 8.21 2.08
N GLY A 114 -20.77 8.61 2.08
CA GLY A 114 -21.33 9.53 3.06
C GLY A 114 -20.43 10.41 3.89
N LEU A 115 -20.34 10.08 5.17
CA LEU A 115 -19.56 10.85 6.13
C LEU A 115 -18.10 11.02 5.72
N PHE A 116 -17.47 9.94 5.25
CA PHE A 116 -16.08 10.00 4.85
C PHE A 116 -15.88 10.94 3.66
N TYR A 117 -16.80 10.90 2.71
CA TYR A 117 -16.71 11.77 1.55
C TYR A 117 -16.88 13.23 1.95
N GLN A 118 -17.81 13.50 2.86
CA GLN A 118 -18.03 14.87 3.27
C GLN A 118 -16.83 15.46 4.02
N TYR A 119 -16.13 14.67 4.83
CA TYR A 119 -14.97 15.17 5.55
C TYR A 119 -13.68 15.17 4.74
N LEU A 120 -13.45 14.07 4.01
CA LEU A 120 -12.23 13.93 3.22
C LEU A 120 -12.27 14.63 1.86
N ARG A 121 -13.47 14.90 1.36
CA ARG A 121 -13.68 15.58 0.09
C ARG A 121 -13.48 14.76 -1.18
N ASP A 122 -13.12 13.49 -1.02
CA ASP A 122 -13.00 12.58 -2.16
C ASP A 122 -13.07 11.17 -1.57
N ASN A 123 -12.89 10.14 -2.39
CA ASN A 123 -13.01 8.77 -1.91
C ASN A 123 -11.71 8.05 -1.56
N ALA A 124 -10.70 8.81 -1.19
CA ALA A 124 -9.41 8.22 -0.82
C ALA A 124 -9.58 7.31 0.39
N CYS A 125 -8.84 6.20 0.43
CA CYS A 125 -8.91 5.31 1.56
C CYS A 125 -7.81 5.76 2.53
N VAL A 126 -8.15 6.75 3.36
CA VAL A 126 -7.24 7.29 4.35
C VAL A 126 -7.09 6.28 5.47
N ALA A 127 -5.86 6.04 5.89
CA ALA A 127 -5.60 5.08 6.97
C ALA A 127 -6.42 5.44 8.21
N SER A 128 -7.32 4.54 8.60
CA SER A 128 -8.17 4.74 9.77
C SER A 128 -7.57 3.96 10.93
N THR A 129 -6.63 4.60 11.61
CA THR A 129 -5.91 3.98 12.72
C THR A 129 -5.95 4.82 13.98
N PRO A 130 -5.80 4.19 15.14
CA PRO A 130 -5.80 4.88 16.43
C PRO A 130 -4.41 5.45 16.70
N ASP A 131 -4.29 6.22 17.78
CA ASP A 131 -2.99 6.78 18.14
C ASP A 131 -2.09 5.61 18.56
N PHE A 132 -0.88 5.56 18.00
CA PHE A 132 0.04 4.47 18.30
C PHE A 132 0.41 4.40 19.79
N GLU A 133 0.88 5.51 20.37
CA GLU A 133 1.26 5.54 21.78
C GLU A 133 0.13 5.14 22.72
N LEU A 134 -1.05 5.71 22.49
CA LEU A 134 -2.20 5.44 23.34
C LEU A 134 -2.62 3.97 23.26
N THR A 135 -2.58 3.41 22.05
CA THR A 135 -2.97 2.02 21.88
C THR A 135 -2.02 1.08 22.62
N ASN A 136 -0.72 1.36 22.58
CA ASN A 136 0.22 0.52 23.30
C ASN A 136 -0.02 0.59 24.80
N LYS A 137 -0.41 1.75 25.30
CA LYS A 137 -0.70 1.92 26.72
C LYS A 137 -1.90 1.08 27.12
N LEU A 138 -2.90 1.00 26.24
CA LEU A 138 -4.08 0.19 26.51
C LEU A 138 -3.61 -1.26 26.68
N VAL A 139 -2.73 -1.71 25.79
CA VAL A 139 -2.21 -3.08 25.85
C VAL A 139 -1.54 -3.28 27.20
N THR A 140 -0.69 -2.33 27.59
CA THR A 140 0.01 -2.42 28.86
C THR A 140 -0.96 -2.51 30.03
N SER A 141 -1.99 -1.66 30.02
CA SER A 141 -2.98 -1.65 31.08
C SER A 141 -3.80 -2.93 31.19
N PHE A 142 -4.20 -3.49 30.05
CA PHE A 142 -5.00 -4.72 30.05
C PHE A 142 -4.15 -5.91 30.49
N SER A 143 -2.87 -5.88 30.15
CA SER A 143 -1.97 -6.96 30.53
C SER A 143 -1.68 -6.84 32.02
N LYS A 144 -1.54 -5.60 32.50
CA LYS A 144 -1.25 -5.36 33.91
C LYS A 144 -2.41 -5.83 34.81
N ARG A 145 -3.61 -5.92 34.25
CA ARG A 145 -4.77 -6.39 35.02
C ARG A 145 -5.13 -7.83 34.66
N ASN A 146 -4.20 -8.50 33.98
CA ASN A 146 -4.35 -9.90 33.59
C ASN A 146 -5.64 -10.22 32.81
N LEU A 147 -6.00 -9.32 31.90
CA LEU A 147 -7.20 -9.51 31.10
C LEU A 147 -6.84 -10.12 29.74
N LYS A 148 -7.72 -10.97 29.21
CA LYS A 148 -7.47 -11.62 27.93
C LYS A 148 -7.88 -10.72 26.78
N TYR A 149 -6.92 -10.30 25.96
CA TYR A 149 -7.22 -9.43 24.84
C TYR A 149 -6.54 -9.93 23.56
N TYR A 150 -7.04 -9.43 22.44
CA TYR A 150 -6.49 -9.75 21.13
C TYR A 150 -6.33 -8.39 20.45
N VAL A 151 -5.26 -8.22 19.70
CA VAL A 151 -5.02 -6.95 19.01
C VAL A 151 -5.25 -7.17 17.51
N GLY A 152 -6.06 -6.31 16.91
CA GLY A 152 -6.32 -6.45 15.47
C GLY A 152 -7.32 -5.44 14.93
N ASN A 153 -7.54 -5.48 13.62
CA ASN A 153 -8.46 -4.54 12.98
C ASN A 153 -9.92 -4.97 13.08
N VAL A 154 -10.81 -4.01 12.89
CA VAL A 154 -12.24 -4.30 12.92
C VAL A 154 -12.92 -3.66 11.73
N PHE A 155 -14.06 -4.22 11.34
CA PHE A 155 -14.83 -3.64 10.26
C PHE A 155 -15.89 -2.76 10.90
N SER A 156 -15.92 -1.49 10.54
CA SER A 156 -16.91 -0.56 11.07
C SER A 156 -18.08 -0.50 10.08
N SER A 157 -19.12 -1.27 10.36
CA SER A 157 -20.30 -1.34 9.51
C SER A 157 -21.27 -0.18 9.77
N ASP A 158 -22.02 0.19 8.74
CA ASP A 158 -23.01 1.27 8.85
C ASP A 158 -24.42 0.73 8.86
N ALA A 159 -24.57 -0.53 8.45
CA ALA A 159 -25.89 -1.14 8.38
C ALA A 159 -25.90 -2.47 9.13
N PHE A 160 -26.22 -2.39 10.41
CA PHE A 160 -26.27 -3.55 11.29
C PHE A 160 -27.09 -4.70 10.70
N TYR A 161 -28.22 -4.38 10.10
CA TYR A 161 -29.11 -5.41 9.55
C TYR A 161 -29.10 -5.69 8.05
N ALA A 162 -28.18 -5.08 7.29
CA ALA A 162 -28.12 -5.35 5.86
C ALA A 162 -27.65 -6.79 5.72
N GLU A 163 -28.24 -7.52 4.79
CA GLU A 163 -27.83 -8.91 4.61
C GLU A 163 -26.64 -9.04 3.69
N ASP A 164 -25.80 -10.02 3.99
CA ASP A 164 -24.59 -10.32 3.22
C ASP A 164 -24.25 -11.77 3.54
N GLU A 165 -24.63 -12.67 2.64
CA GLU A 165 -24.41 -14.10 2.81
C GLU A 165 -23.01 -14.53 3.25
N GLU A 166 -21.98 -13.89 2.70
CA GLU A 166 -20.62 -14.26 3.07
C GLU A 166 -19.94 -13.27 3.99
N PHE A 167 -20.75 -12.56 4.78
CA PHE A 167 -20.26 -11.55 5.72
C PHE A 167 -19.02 -11.91 6.56
N VAL A 168 -19.16 -12.93 7.40
CA VAL A 168 -18.06 -13.33 8.27
C VAL A 168 -16.78 -13.70 7.54
N LYS A 169 -16.90 -14.54 6.51
CA LYS A 169 -15.71 -14.93 5.77
C LYS A 169 -15.07 -13.76 5.03
N LYS A 170 -15.90 -12.91 4.42
CA LYS A 170 -15.39 -11.76 3.70
C LYS A 170 -14.55 -10.83 4.59
N TRP A 171 -15.10 -10.41 5.71
CA TRP A 171 -14.38 -9.50 6.58
C TRP A 171 -13.22 -10.10 7.36
N SER A 172 -13.34 -11.37 7.77
CA SER A 172 -12.24 -11.99 8.48
C SER A 172 -11.10 -12.26 7.49
N SER A 173 -11.43 -12.55 6.25
CA SER A 173 -10.41 -12.81 5.23
C SER A 173 -9.73 -11.50 4.83
N ARG A 174 -10.27 -10.38 5.30
CA ARG A 174 -9.70 -9.06 5.02
C ARG A 174 -8.90 -8.54 6.21
N GLY A 175 -8.56 -9.43 7.14
CA GLY A 175 -7.78 -9.04 8.30
C GLY A 175 -8.50 -8.44 9.48
N ASN A 176 -9.83 -8.46 9.49
CA ASN A 176 -10.61 -7.92 10.60
C ASN A 176 -11.01 -9.06 11.53
N ILE A 177 -10.90 -8.83 12.84
CA ILE A 177 -11.26 -9.89 13.77
C ILE A 177 -12.57 -9.65 14.51
N ALA A 178 -13.22 -8.52 14.21
CA ALA A 178 -14.50 -8.19 14.84
C ALA A 178 -15.24 -7.12 14.04
N VAL A 179 -16.51 -6.93 14.37
CA VAL A 179 -17.33 -5.93 13.69
C VAL A 179 -18.09 -5.03 14.67
N GLU A 180 -18.07 -3.74 14.39
CA GLU A 180 -18.78 -2.77 15.19
C GLU A 180 -19.15 -1.61 14.26
N MET A 181 -19.51 -0.44 14.78
CA MET A 181 -19.95 0.63 13.88
C MET A 181 -19.36 2.03 13.99
N GLU A 182 -18.49 2.29 14.96
CA GLU A 182 -17.97 3.66 15.14
C GLU A 182 -16.46 3.87 15.00
N CYS A 183 -15.70 2.79 15.02
CA CYS A 183 -14.24 2.83 14.93
C CYS A 183 -13.69 3.67 13.76
N ALA A 184 -14.09 3.33 12.54
CA ALA A 184 -13.58 4.06 11.39
C ALA A 184 -13.79 5.57 11.51
N THR A 185 -14.99 5.96 11.93
CA THR A 185 -15.27 7.39 12.07
C THR A 185 -14.39 8.03 13.14
N LEU A 186 -14.31 7.37 14.29
CA LEU A 186 -13.49 7.89 15.38
C LEU A 186 -12.04 8.09 14.94
N PHE A 187 -11.44 7.05 14.38
CA PHE A 187 -10.03 7.11 13.97
C PHE A 187 -9.71 8.15 12.91
N THR A 188 -10.46 8.10 11.80
CA THR A 188 -10.23 9.01 10.70
C THR A 188 -10.46 10.47 11.11
N LEU A 189 -11.57 10.72 11.78
CA LEU A 189 -11.87 12.09 12.20
C LEU A 189 -10.82 12.60 13.20
N SER A 190 -10.34 11.70 14.05
CA SER A 190 -9.32 12.09 15.03
C SER A 190 -8.01 12.46 14.33
N LYS A 191 -7.72 11.74 13.25
CA LYS A 191 -6.53 11.96 12.47
C LYS A 191 -6.62 13.35 11.81
N VAL A 192 -7.80 13.65 11.27
CA VAL A 192 -8.03 14.93 10.61
C VAL A 192 -8.04 16.11 11.57
N LYS A 193 -8.61 15.92 12.75
CA LYS A 193 -8.71 16.97 13.76
C LYS A 193 -7.54 17.06 14.74
N GLY A 194 -6.64 16.10 14.70
CA GLY A 194 -5.50 16.12 15.60
C GLY A 194 -5.77 15.64 17.02
N TRP A 195 -6.79 14.80 17.18
CA TRP A 195 -7.11 14.25 18.51
C TRP A 195 -6.41 12.90 18.65
N LYS A 196 -6.16 12.48 19.89
CA LYS A 196 -5.53 11.20 20.17
C LYS A 196 -6.62 10.20 20.56
N SER A 197 -6.83 9.17 19.75
CA SER A 197 -7.90 8.22 20.04
C SER A 197 -7.46 6.75 19.97
N ALA A 198 -8.23 5.90 20.65
CA ALA A 198 -7.96 4.45 20.67
C ALA A 198 -9.30 3.78 20.96
N THR A 199 -9.32 2.44 20.93
CA THR A 199 -10.56 1.73 21.21
C THR A 199 -10.34 0.30 21.73
N VAL A 200 -11.14 -0.08 22.70
CA VAL A 200 -11.12 -1.43 23.24
C VAL A 200 -12.57 -1.88 23.13
N LEU A 201 -12.78 -3.14 22.76
CA LEU A 201 -14.13 -3.66 22.62
C LEU A 201 -14.36 -4.93 23.44
N VAL A 202 -15.56 -5.07 23.99
CA VAL A 202 -15.92 -6.25 24.76
C VAL A 202 -16.65 -7.18 23.80
N VAL A 203 -16.18 -8.43 23.67
CA VAL A 203 -16.81 -9.38 22.77
C VAL A 203 -18.11 -9.92 23.38
N SER A 204 -19.24 -9.52 22.81
CA SER A 204 -20.52 -9.97 23.33
C SER A 204 -21.18 -11.02 22.44
N ASP A 205 -20.54 -11.33 21.33
CA ASP A 205 -21.05 -12.31 20.38
C ASP A 205 -19.94 -12.76 19.44
N ASN A 206 -20.03 -13.99 18.97
CA ASN A 206 -19.05 -14.49 18.03
C ASN A 206 -19.82 -14.97 16.81
N LEU A 207 -19.64 -14.28 15.69
CA LEU A 207 -20.36 -14.61 14.46
C LEU A 207 -19.74 -15.78 13.73
N ALA A 208 -18.55 -16.20 14.15
CA ALA A 208 -17.87 -17.31 13.51
C ALA A 208 -18.16 -18.63 14.19
N LYS A 209 -18.47 -18.55 15.49
CA LYS A 209 -18.77 -19.75 16.27
C LYS A 209 -20.11 -19.61 16.97
N LYS A 216 -25.19 -12.90 31.83
CA LYS A 216 -25.38 -11.44 32.06
C LYS A 216 -24.39 -10.90 33.08
N GLU A 217 -24.20 -11.64 34.18
CA GLU A 217 -23.28 -11.21 35.23
C GLU A 217 -21.83 -11.31 34.76
N GLU A 218 -21.50 -12.39 34.07
CA GLU A 218 -20.15 -12.58 33.58
C GLU A 218 -19.81 -11.46 32.59
N LEU A 219 -20.83 -10.96 31.90
CA LEU A 219 -20.64 -9.89 30.91
C LEU A 219 -20.43 -8.56 31.61
N GLU A 220 -21.26 -8.27 32.60
CA GLU A 220 -21.13 -7.01 33.33
C GLU A 220 -19.75 -6.91 33.97
N LYS A 221 -19.26 -8.04 34.48
CA LYS A 221 -17.94 -8.06 35.10
C LYS A 221 -16.91 -7.74 34.04
N SER A 222 -17.06 -8.37 32.88
CA SER A 222 -16.15 -8.13 31.75
C SER A 222 -16.14 -6.64 31.43
N VAL A 223 -17.33 -6.06 31.27
CA VAL A 223 -17.44 -4.64 30.96
C VAL A 223 -16.77 -3.80 32.04
N MET A 224 -17.09 -4.08 33.31
CA MET A 224 -16.50 -3.35 34.43
C MET A 224 -14.98 -3.47 34.49
N ASP A 225 -14.45 -4.70 34.34
CA ASP A 225 -13.01 -4.89 34.39
C ASP A 225 -12.28 -4.12 33.29
N GLY A 226 -12.84 -4.14 32.09
CA GLY A 226 -12.21 -3.44 30.99
C GLY A 226 -12.27 -1.94 31.18
N ALA A 227 -13.36 -1.45 31.75
CA ALA A 227 -13.52 -0.02 31.97
C ALA A 227 -12.41 0.51 32.88
N LYS A 228 -12.04 -0.29 33.89
CA LYS A 228 -11.01 0.09 34.83
C LYS A 228 -9.65 0.18 34.12
N ALA A 229 -9.38 -0.76 33.24
CA ALA A 229 -8.12 -0.75 32.50
C ALA A 229 -8.06 0.46 31.57
N VAL A 230 -9.21 0.80 30.98
CA VAL A 230 -9.27 1.95 30.08
C VAL A 230 -9.06 3.23 30.86
N LEU A 231 -9.69 3.34 32.02
CA LEU A 231 -9.54 4.54 32.84
C LEU A 231 -8.09 4.69 33.30
N ASP A 232 -7.42 3.56 33.55
CA ASP A 232 -6.02 3.61 33.96
C ASP A 232 -5.18 4.20 32.84
N THR A 233 -5.47 3.76 31.62
CA THR A 233 -4.76 4.23 30.42
C THR A 233 -4.97 5.72 30.22
N LEU A 234 -6.24 6.13 30.28
CA LEU A 234 -6.61 7.53 30.10
C LEU A 234 -5.94 8.49 31.07
N THR A 235 -5.64 7.99 32.27
CA THR A 235 -5.02 8.80 33.30
C THR A 235 -3.53 8.57 33.46
N SER A 236 -2.95 7.77 32.57
CA SER A 236 -1.51 7.49 32.65
C SER A 236 -0.76 8.45 31.72
N PRO B 3 15.92 13.97 -12.67
CA PRO B 3 15.45 12.58 -12.47
C PRO B 3 16.17 11.95 -11.28
N VAL B 4 15.43 11.22 -10.44
CA VAL B 4 16.04 10.60 -9.28
C VAL B 4 16.25 9.09 -9.41
N HIS B 5 15.66 8.49 -10.43
CA HIS B 5 15.81 7.05 -10.64
C HIS B 5 16.74 6.74 -11.81
N ILE B 6 16.44 7.30 -12.98
CA ILE B 6 17.27 7.13 -14.17
C ILE B 6 18.31 8.24 -14.06
N LEU B 7 19.54 7.88 -13.70
CA LEU B 7 20.59 8.87 -13.53
C LEU B 7 21.44 9.10 -14.78
N ALA B 8 20.83 8.97 -15.95
CA ALA B 8 21.54 9.20 -17.21
C ALA B 8 21.84 10.68 -17.38
N LYS B 9 22.98 10.99 -17.98
CA LYS B 9 23.35 12.38 -18.21
C LYS B 9 22.49 12.90 -19.36
N LYS B 10 22.15 14.19 -19.31
CA LYS B 10 21.35 14.79 -20.36
C LYS B 10 22.15 14.64 -21.65
N GLY B 11 21.49 14.16 -22.70
CA GLY B 11 22.18 13.97 -23.96
C GLY B 11 22.61 12.52 -24.12
N GLU B 12 22.35 11.72 -23.10
CA GLU B 12 22.68 10.30 -23.12
C GLU B 12 21.45 9.46 -23.44
N VAL B 13 20.30 10.11 -23.52
CA VAL B 13 19.05 9.43 -23.84
C VAL B 13 18.51 9.97 -25.17
N ALA B 14 18.19 9.07 -26.08
CA ALA B 14 17.69 9.48 -27.40
C ALA B 14 16.21 9.86 -27.38
N GLU B 15 15.77 10.54 -28.43
CA GLU B 15 14.36 10.93 -28.53
C GLU B 15 13.51 9.68 -28.77
N ARG B 16 14.09 8.71 -29.44
CA ARG B 16 13.41 7.45 -29.77
C ARG B 16 13.85 6.40 -28.75
N VAL B 17 12.89 5.82 -28.04
CA VAL B 17 13.20 4.81 -27.04
C VAL B 17 12.37 3.54 -27.12
N LEU B 18 13.05 2.40 -27.09
CA LEU B 18 12.38 1.11 -27.08
C LEU B 18 12.43 0.75 -25.60
N VAL B 19 11.26 0.57 -24.97
CA VAL B 19 11.21 0.24 -23.55
C VAL B 19 10.74 -1.19 -23.30
N VAL B 20 11.43 -1.87 -22.39
CA VAL B 20 11.08 -3.24 -22.04
C VAL B 20 11.08 -3.36 -20.52
N GLY B 21 10.28 -4.28 -19.99
CA GLY B 21 10.21 -4.42 -18.55
C GLY B 21 11.40 -5.10 -17.90
N ASP B 22 11.97 -6.08 -18.58
CA ASP B 22 13.08 -6.85 -18.05
C ASP B 22 14.47 -6.28 -18.38
N PRO B 23 15.25 -5.93 -17.34
CA PRO B 23 16.59 -5.37 -17.53
C PRO B 23 17.42 -6.33 -18.40
N GLY B 24 17.20 -7.63 -18.20
CA GLY B 24 17.91 -8.64 -18.97
C GLY B 24 17.63 -8.53 -20.45
N ARG B 25 16.38 -8.22 -20.81
CA ARG B 25 16.01 -8.09 -22.21
C ARG B 25 16.64 -6.82 -22.80
N ALA B 26 16.77 -5.79 -21.99
CA ALA B 26 17.36 -4.55 -22.46
C ALA B 26 18.83 -4.82 -22.79
N ARG B 27 19.53 -5.51 -21.89
CA ARG B 27 20.94 -5.84 -22.11
C ARG B 27 21.10 -6.70 -23.36
N LEU B 28 20.20 -7.67 -23.52
CA LEU B 28 20.24 -8.57 -24.66
C LEU B 28 19.92 -7.88 -25.98
N LEU B 29 18.98 -6.92 -25.96
CA LEU B 29 18.62 -6.22 -27.18
C LEU B 29 19.60 -5.12 -27.56
N SER B 30 20.44 -4.71 -26.61
CA SER B 30 21.40 -3.64 -26.88
C SER B 30 22.41 -4.11 -27.93
N THR B 31 22.53 -5.42 -28.08
CA THR B 31 23.47 -5.98 -29.05
C THR B 31 23.02 -5.70 -30.47
N LEU B 32 21.78 -5.21 -30.62
CA LEU B 32 21.25 -4.90 -31.93
C LEU B 32 21.62 -3.49 -32.34
N LEU B 33 22.16 -2.71 -31.40
CA LEU B 33 22.54 -1.34 -31.68
C LEU B 33 24.00 -1.26 -32.09
N GLN B 34 24.37 -0.16 -32.74
CA GLN B 34 25.75 0.06 -33.14
C GLN B 34 26.38 0.83 -31.99
N ASN B 35 27.53 0.36 -31.51
CA ASN B 35 28.27 1.01 -30.43
C ASN B 35 27.42 1.33 -29.21
N PRO B 36 26.73 0.32 -28.65
CA PRO B 36 25.87 0.49 -27.47
C PRO B 36 26.64 0.98 -26.23
N LYS B 37 26.08 1.97 -25.54
CA LYS B 37 26.69 2.50 -24.33
C LYS B 37 25.67 2.43 -23.21
N LEU B 38 26.11 2.05 -22.02
CA LEU B 38 25.22 1.98 -20.86
C LEU B 38 25.18 3.38 -20.26
N THR B 39 24.03 4.05 -20.38
CA THR B 39 23.87 5.40 -19.87
C THR B 39 23.22 5.45 -18.48
N ASN B 40 22.68 4.32 -18.03
CA ASN B 40 22.09 4.23 -16.70
C ASN B 40 22.06 2.82 -16.17
N GLU B 41 22.31 2.71 -14.88
CA GLU B 41 22.35 1.44 -14.18
C GLU B 41 21.59 1.52 -12.85
N ASN B 42 21.34 2.75 -12.40
CA ASN B 42 20.67 2.95 -11.12
C ASN B 42 19.33 2.26 -10.96
N ARG B 43 19.13 1.72 -9.75
CA ARG B 43 17.92 1.02 -9.38
C ARG B 43 17.57 -0.13 -10.32
N GLY B 44 18.57 -0.60 -11.06
CA GLY B 44 18.35 -1.70 -11.98
C GLY B 44 17.71 -1.32 -13.30
N PHE B 45 17.41 -0.03 -13.48
CA PHE B 45 16.79 0.45 -14.72
C PHE B 45 17.80 0.64 -15.85
N LEU B 46 18.35 -0.44 -16.36
CA LEU B 46 19.34 -0.37 -17.42
C LEU B 46 18.84 0.40 -18.64
N VAL B 47 19.65 1.36 -19.07
CA VAL B 47 19.35 2.17 -20.24
C VAL B 47 20.58 2.16 -21.15
N TYR B 48 20.40 1.72 -22.39
CA TYR B 48 21.51 1.69 -23.35
C TYR B 48 21.18 2.64 -24.49
N THR B 49 22.19 3.31 -25.01
CA THR B 49 21.99 4.24 -26.12
C THR B 49 23.02 3.95 -27.20
N GLY B 50 22.57 3.93 -28.46
CA GLY B 50 23.48 3.67 -29.57
C GLY B 50 22.81 4.09 -30.86
N LYS B 51 23.28 3.55 -31.99
CA LYS B 51 22.68 3.90 -33.26
C LYS B 51 22.08 2.70 -33.97
N TYR B 52 21.15 2.98 -34.89
CA TYR B 52 20.45 1.96 -35.65
C TYR B 52 19.87 2.64 -36.88
N ASN B 53 20.14 2.10 -38.06
CA ASN B 53 19.66 2.69 -39.31
C ASN B 53 19.86 4.20 -39.38
N GLY B 54 21.03 4.67 -38.96
CA GLY B 54 21.33 6.09 -39.03
C GLY B 54 20.63 7.00 -38.03
N GLU B 55 20.10 6.43 -36.95
CA GLU B 55 19.42 7.23 -35.95
C GLU B 55 19.84 6.81 -34.56
N THR B 56 19.91 7.76 -33.64
CA THR B 56 20.27 7.46 -32.26
C THR B 56 19.01 6.85 -31.64
N VAL B 57 19.19 5.77 -30.89
CA VAL B 57 18.07 5.10 -30.25
C VAL B 57 18.49 4.61 -28.88
N SER B 58 17.53 4.54 -27.96
CA SER B 58 17.82 4.05 -26.62
C SER B 58 16.89 2.89 -26.32
N ILE B 59 17.39 1.98 -25.50
CA ILE B 59 16.62 0.83 -25.06
C ILE B 59 16.65 0.99 -23.55
N ALA B 60 15.46 1.15 -22.96
CA ALA B 60 15.35 1.35 -21.51
C ALA B 60 14.49 0.31 -20.81
N THR B 61 14.80 0.09 -19.54
CA THR B 61 14.08 -0.87 -18.71
C THR B 61 13.01 -0.12 -17.92
N HIS B 62 11.78 -0.63 -17.88
CA HIS B 62 10.74 0.06 -17.13
C HIS B 62 10.18 -0.70 -15.93
N GLY B 63 10.72 -1.89 -15.66
CA GLY B 63 10.25 -2.66 -14.53
C GLY B 63 8.82 -3.13 -14.73
N ILE B 64 8.17 -3.59 -13.66
CA ILE B 64 6.81 -4.09 -13.77
C ILE B 64 5.74 -3.17 -13.18
N GLY B 65 4.64 -2.99 -13.91
CA GLY B 65 3.54 -2.18 -13.40
C GLY B 65 3.47 -0.72 -13.81
N GLY B 66 2.25 -0.19 -13.80
CA GLY B 66 2.03 1.19 -14.17
C GLY B 66 2.85 2.21 -13.38
N PRO B 67 2.92 2.10 -12.04
CA PRO B 67 3.70 3.08 -11.28
C PRO B 67 5.16 3.12 -11.71
N SER B 68 5.76 1.94 -11.94
CA SER B 68 7.16 1.87 -12.35
C SER B 68 7.39 2.45 -13.75
N ILE B 69 6.58 2.03 -14.72
CA ILE B 69 6.74 2.56 -16.07
C ILE B 69 6.45 4.06 -16.10
N ALA B 70 5.52 4.54 -15.27
CA ALA B 70 5.21 5.97 -15.26
C ALA B 70 6.47 6.78 -14.86
N ILE B 71 7.16 6.31 -13.83
CA ILE B 71 8.37 6.98 -13.35
C ILE B 71 9.42 6.98 -14.45
N VAL B 72 9.65 5.81 -15.03
CA VAL B 72 10.66 5.70 -16.08
C VAL B 72 10.36 6.56 -17.31
N LEU B 73 9.11 6.59 -17.75
CA LEU B 73 8.73 7.41 -18.91
C LEU B 73 8.89 8.90 -18.61
N GLU B 74 8.47 9.30 -17.42
CA GLU B 74 8.57 10.70 -17.01
C GLU B 74 10.02 11.17 -16.96
N GLU B 75 10.91 10.34 -16.45
CA GLU B 75 12.31 10.72 -16.37
C GLU B 75 13.01 10.67 -17.73
N LEU B 76 12.67 9.68 -18.55
CA LEU B 76 13.28 9.59 -19.87
C LEU B 76 12.85 10.82 -20.66
N ALA B 77 11.59 11.22 -20.48
CA ALA B 77 11.07 12.40 -21.16
C ALA B 77 11.80 13.67 -20.71
N MET B 78 12.11 13.74 -19.42
CA MET B 78 12.82 14.91 -18.90
C MET B 78 14.23 14.95 -19.49
N LEU B 79 14.73 13.79 -19.91
CA LEU B 79 16.07 13.70 -20.49
C LEU B 79 16.05 13.83 -22.01
N GLY B 80 14.89 14.13 -22.57
CA GLY B 80 14.77 14.32 -24.00
C GLY B 80 13.96 13.33 -24.82
N ALA B 81 13.53 12.22 -24.22
CA ALA B 81 12.75 11.23 -24.95
C ALA B 81 11.32 11.69 -25.20
N ASN B 82 10.79 11.42 -26.40
CA ASN B 82 9.42 11.79 -26.75
C ASN B 82 8.71 10.75 -27.61
N VAL B 83 9.42 9.70 -27.99
CA VAL B 83 8.82 8.63 -28.78
C VAL B 83 9.12 7.33 -28.05
N PHE B 84 8.07 6.63 -27.64
CA PHE B 84 8.24 5.38 -26.90
C PHE B 84 7.52 4.20 -27.52
N ILE B 85 8.22 3.08 -27.63
CA ILE B 85 7.60 1.86 -28.12
C ILE B 85 7.93 0.75 -27.13
N ARG B 86 6.90 0.31 -26.43
CA ARG B 86 7.05 -0.76 -25.47
C ARG B 86 7.05 -2.10 -26.20
N TYR B 87 8.01 -2.95 -25.85
CA TYR B 87 8.13 -4.28 -26.43
C TYR B 87 8.13 -5.23 -25.23
N GLY B 88 7.01 -5.94 -25.04
CA GLY B 88 6.92 -6.83 -23.89
C GLY B 88 6.39 -8.22 -24.20
N THR B 89 6.02 -8.95 -23.15
CA THR B 89 5.49 -10.31 -23.28
C THR B 89 4.07 -10.29 -22.79
N THR B 90 3.22 -11.12 -23.37
CA THR B 90 1.83 -11.14 -22.97
C THR B 90 1.19 -12.52 -22.98
N GLY B 91 0.03 -12.60 -22.35
CA GLY B 91 -0.71 -13.84 -22.30
C GLY B 91 -1.95 -13.61 -23.14
N ALA B 92 -2.12 -14.42 -24.20
CA ALA B 92 -3.26 -14.30 -25.09
C ALA B 92 -4.56 -14.67 -24.38
N LEU B 93 -5.65 -14.02 -24.78
CA LEU B 93 -6.97 -14.27 -24.19
C LEU B 93 -7.89 -14.97 -25.17
N VAL B 94 -7.39 -15.24 -26.37
CA VAL B 94 -8.16 -15.92 -27.40
C VAL B 94 -7.34 -17.12 -27.86
N PRO B 95 -8.00 -18.26 -28.10
CA PRO B 95 -7.40 -19.52 -28.55
C PRO B 95 -6.67 -19.61 -29.89
N TYR B 96 -6.99 -18.72 -30.82
CA TYR B 96 -6.35 -18.80 -32.14
C TYR B 96 -4.94 -18.23 -32.24
N ILE B 97 -4.47 -17.57 -31.19
CA ILE B 97 -3.13 -16.99 -31.21
C ILE B 97 -2.12 -17.98 -30.63
N ASN B 98 -1.07 -18.25 -31.40
CA ASN B 98 -0.02 -19.19 -30.99
C ASN B 98 1.15 -18.51 -30.28
N LEU B 99 1.86 -19.28 -29.47
CA LEU B 99 3.01 -18.78 -28.72
C LEU B 99 4.09 -18.32 -29.70
N GLY B 100 4.78 -17.24 -29.35
CA GLY B 100 5.81 -16.72 -30.21
C GLY B 100 5.32 -15.70 -31.21
N GLU B 101 4.00 -15.65 -31.43
CA GLU B 101 3.44 -14.70 -32.36
C GLU B 101 3.37 -13.32 -31.70
N TYR B 102 2.98 -12.30 -32.45
CA TYR B 102 2.94 -10.95 -31.88
C TYR B 102 1.58 -10.27 -31.86
N ILE B 103 1.45 -9.35 -30.93
CA ILE B 103 0.23 -8.58 -30.78
C ILE B 103 0.59 -7.09 -30.83
N ILE B 104 0.06 -6.41 -31.84
CA ILE B 104 0.29 -4.98 -31.99
C ILE B 104 -0.94 -4.33 -31.37
N VAL B 105 -0.71 -3.70 -30.21
CA VAL B 105 -1.73 -3.08 -29.39
C VAL B 105 -2.39 -1.82 -29.95
N THR B 106 -3.72 -1.83 -29.99
CA THR B 106 -4.49 -0.70 -30.49
C THR B 106 -5.21 0.05 -29.37
N GLY B 107 -5.14 -0.48 -28.16
CA GLY B 107 -5.80 0.16 -27.04
C GLY B 107 -5.63 -0.65 -25.78
N ALA B 108 -5.91 -0.03 -24.66
CA ALA B 108 -5.77 -0.72 -23.39
C ALA B 108 -6.95 -0.52 -22.46
N SER B 109 -7.51 -1.63 -21.99
CA SER B 109 -8.60 -1.59 -21.02
C SER B 109 -7.88 -1.62 -19.68
N TYR B 110 -8.48 -0.96 -18.69
CA TYR B 110 -7.88 -0.93 -17.36
C TYR B 110 -8.97 -0.70 -16.32
N ASN B 111 -8.66 -1.05 -15.07
CA ASN B 111 -9.58 -0.82 -13.97
C ASN B 111 -9.20 0.55 -13.42
N GLN B 112 -10.18 1.39 -13.16
CA GLN B 112 -9.89 2.72 -12.61
C GLN B 112 -9.03 2.51 -11.37
N GLY B 113 -8.02 3.34 -11.20
CA GLY B 113 -7.16 3.18 -10.04
C GLY B 113 -6.39 4.43 -9.66
N GLY B 114 -5.61 4.31 -8.59
CA GLY B 114 -4.82 5.41 -8.10
C GLY B 114 -4.04 6.21 -9.11
N LEU B 115 -3.17 5.56 -9.88
CA LEU B 115 -2.36 6.28 -10.86
C LEU B 115 -3.19 7.12 -11.83
N PHE B 116 -4.24 6.54 -12.38
CA PHE B 116 -5.07 7.27 -13.32
C PHE B 116 -5.79 8.43 -12.66
N TYR B 117 -6.25 8.22 -11.43
CA TYR B 117 -6.93 9.28 -10.68
C TYR B 117 -5.97 10.43 -10.36
N GLN B 118 -4.74 10.10 -9.94
CA GLN B 118 -3.79 11.15 -9.61
C GLN B 118 -3.42 12.01 -10.81
N TYR B 119 -3.34 11.40 -11.99
CA TYR B 119 -2.98 12.12 -13.22
C TYR B 119 -4.16 12.81 -13.88
N LEU B 120 -5.30 12.13 -13.97
CA LEU B 120 -6.49 12.69 -14.62
C LEU B 120 -7.34 13.58 -13.73
N ARG B 121 -7.19 13.40 -12.41
CA ARG B 121 -7.90 14.19 -11.41
C ARG B 121 -9.37 13.83 -11.19
N ASP B 122 -9.84 12.81 -11.89
CA ASP B 122 -11.19 12.29 -11.68
C ASP B 122 -11.28 10.91 -12.31
N ASN B 123 -12.46 10.31 -12.31
CA ASN B 123 -12.64 8.95 -12.84
C ASN B 123 -12.99 8.82 -14.32
N ALA B 124 -12.75 9.85 -15.11
CA ALA B 124 -13.09 9.78 -16.54
C ALA B 124 -12.31 8.68 -17.24
N CYS B 125 -12.99 7.91 -18.09
CA CYS B 125 -12.32 6.86 -18.84
C CYS B 125 -11.70 7.49 -20.07
N VAL B 126 -10.53 8.09 -19.91
CA VAL B 126 -9.83 8.72 -21.03
C VAL B 126 -9.39 7.61 -21.98
N ALA B 127 -9.61 7.81 -23.28
CA ALA B 127 -9.23 6.82 -24.28
C ALA B 127 -7.73 6.53 -24.15
N SER B 128 -7.39 5.28 -23.81
CA SER B 128 -6.00 4.87 -23.63
C SER B 128 -5.58 4.15 -24.91
N THR B 129 -5.14 4.96 -25.87
CA THR B 129 -4.73 4.46 -27.17
C THR B 129 -3.33 4.91 -27.53
N PRO B 130 -2.66 4.15 -28.41
CA PRO B 130 -1.31 4.49 -28.84
C PRO B 130 -1.40 5.53 -29.95
N ASP B 131 -0.26 6.02 -30.43
CA ASP B 131 -0.27 6.98 -31.51
C ASP B 131 -0.66 6.22 -32.78
N PHE B 132 -1.64 6.76 -33.52
CA PHE B 132 -2.14 6.12 -34.73
C PHE B 132 -1.05 5.85 -35.76
N GLU B 133 -0.34 6.89 -36.17
CA GLU B 133 0.74 6.78 -37.14
C GLU B 133 1.78 5.75 -36.75
N LEU B 134 2.29 5.88 -35.53
CA LEU B 134 3.32 4.96 -35.03
C LEU B 134 2.87 3.51 -35.08
N THR B 135 1.64 3.26 -34.66
CA THR B 135 1.10 1.90 -34.67
C THR B 135 1.04 1.34 -36.10
N ASN B 136 0.68 2.20 -37.07
CA ASN B 136 0.62 1.72 -38.44
C ASN B 136 2.03 1.42 -38.96
N LYS B 137 3.02 2.19 -38.54
CA LYS B 137 4.40 1.94 -38.97
C LYS B 137 4.84 0.58 -38.42
N LEU B 138 4.41 0.25 -37.21
CA LEU B 138 4.74 -1.04 -36.61
C LEU B 138 4.12 -2.16 -37.44
N VAL B 139 2.87 -1.97 -37.84
CA VAL B 139 2.20 -2.97 -38.67
C VAL B 139 3.04 -3.16 -39.94
N THR B 140 3.50 -2.04 -40.51
CA THR B 140 4.31 -2.09 -41.71
C THR B 140 5.62 -2.85 -41.53
N SER B 141 6.33 -2.55 -40.44
CA SER B 141 7.61 -3.20 -40.16
C SER B 141 7.47 -4.69 -39.90
N PHE B 142 6.44 -5.09 -39.16
CA PHE B 142 6.23 -6.50 -38.87
C PHE B 142 5.76 -7.24 -40.13
N SER B 143 5.13 -6.51 -41.04
CA SER B 143 4.66 -7.10 -42.29
C SER B 143 5.86 -7.31 -43.19
N LYS B 144 6.70 -6.28 -43.30
CA LYS B 144 7.90 -6.34 -44.12
C LYS B 144 8.82 -7.49 -43.72
N ARG B 145 8.83 -7.83 -42.43
CA ARG B 145 9.67 -8.91 -41.95
C ARG B 145 8.96 -10.26 -41.86
N ASN B 146 7.79 -10.33 -42.51
CA ASN B 146 6.98 -11.55 -42.54
C ASN B 146 6.69 -12.17 -41.18
N LEU B 147 6.45 -11.33 -40.18
CA LEU B 147 6.14 -11.81 -38.84
C LEU B 147 4.62 -11.91 -38.65
N LYS B 148 4.18 -12.97 -37.97
CA LYS B 148 2.75 -13.17 -37.72
C LYS B 148 2.28 -12.39 -36.51
N TYR B 149 1.37 -11.46 -36.76
CA TYR B 149 0.86 -10.60 -35.70
C TYR B 149 -0.65 -10.45 -35.78
N TYR B 150 -1.23 -9.91 -34.70
CA TYR B 150 -2.65 -9.65 -34.62
C TYR B 150 -2.78 -8.27 -34.00
N VAL B 151 -3.75 -7.51 -34.44
CA VAL B 151 -3.96 -6.17 -33.89
C VAL B 151 -5.20 -6.17 -33.00
N GLY B 152 -5.09 -5.55 -31.84
CA GLY B 152 -6.23 -5.51 -30.96
C GLY B 152 -5.91 -4.90 -29.61
N ASN B 153 -6.96 -4.79 -28.79
CA ASN B 153 -6.84 -4.21 -27.45
C ASN B 153 -6.32 -5.23 -26.45
N VAL B 154 -5.73 -4.72 -25.38
CA VAL B 154 -5.23 -5.55 -24.30
C VAL B 154 -5.74 -5.02 -22.98
N PHE B 155 -5.81 -5.90 -21.99
CA PHE B 155 -6.22 -5.51 -20.65
C PHE B 155 -4.93 -5.31 -19.87
N SER B 156 -4.74 -4.11 -19.32
CA SER B 156 -3.55 -3.82 -18.53
C SER B 156 -3.91 -4.06 -17.07
N SER B 157 -3.56 -5.23 -16.57
CA SER B 157 -3.82 -5.63 -15.19
C SER B 157 -2.80 -5.07 -14.19
N ASP B 158 -3.23 -4.84 -12.95
CA ASP B 158 -2.34 -4.33 -11.91
C ASP B 158 -1.99 -5.42 -10.90
N ALA B 159 -2.75 -6.51 -10.93
CA ALA B 159 -2.56 -7.61 -10.01
C ALA B 159 -2.40 -8.92 -10.75
N PHE B 160 -1.15 -9.30 -10.95
CA PHE B 160 -0.80 -10.52 -11.65
C PHE B 160 -1.43 -11.76 -11.02
N TYR B 161 -1.38 -11.83 -9.69
CA TYR B 161 -1.89 -12.97 -8.95
C TYR B 161 -3.27 -12.90 -8.34
N ALA B 162 -4.02 -11.83 -8.57
CA ALA B 162 -5.37 -11.75 -8.02
C ALA B 162 -6.24 -12.78 -8.71
N GLU B 163 -7.06 -13.48 -7.93
CA GLU B 163 -7.93 -14.50 -8.49
C GLU B 163 -9.21 -13.94 -9.12
N ASP B 164 -9.60 -14.53 -10.25
CA ASP B 164 -10.82 -14.15 -10.96
C ASP B 164 -11.24 -15.36 -11.78
N GLU B 165 -12.20 -16.11 -11.25
CA GLU B 165 -12.70 -17.32 -11.89
C GLU B 165 -13.21 -17.12 -13.32
N GLU B 166 -13.57 -15.89 -13.68
CA GLU B 166 -14.08 -15.64 -15.02
C GLU B 166 -13.16 -14.73 -15.83
N PHE B 167 -11.90 -14.66 -15.41
CA PHE B 167 -10.90 -13.80 -16.04
C PHE B 167 -10.88 -13.79 -17.57
N VAL B 168 -10.60 -14.94 -18.19
CA VAL B 168 -10.53 -15.00 -19.64
C VAL B 168 -11.82 -14.59 -20.33
N LYS B 169 -12.94 -15.16 -19.90
CA LYS B 169 -14.23 -14.83 -20.52
C LYS B 169 -14.52 -13.33 -20.43
N LYS B 170 -14.37 -12.78 -19.23
CA LYS B 170 -14.63 -11.37 -19.00
C LYS B 170 -13.86 -10.44 -19.92
N TRP B 171 -12.53 -10.52 -19.88
CA TRP B 171 -11.73 -9.62 -20.70
C TRP B 171 -11.79 -9.86 -22.21
N SER B 172 -11.93 -11.11 -22.63
CA SER B 172 -12.02 -11.39 -24.06
C SER B 172 -13.37 -10.90 -24.59
N SER B 173 -14.42 -10.97 -23.75
CA SER B 173 -15.74 -10.53 -24.19
C SER B 173 -15.79 -9.01 -24.18
N ARG B 174 -14.74 -8.38 -23.66
CA ARG B 174 -14.68 -6.93 -23.61
C ARG B 174 -13.80 -6.37 -24.72
N GLY B 175 -13.52 -7.22 -25.71
CA GLY B 175 -12.72 -6.80 -26.85
C GLY B 175 -11.21 -6.88 -26.70
N ASN B 176 -10.73 -7.54 -25.65
CA ASN B 176 -9.29 -7.65 -25.44
C ASN B 176 -8.79 -9.03 -25.88
N ILE B 177 -7.66 -9.07 -26.58
CA ILE B 177 -7.11 -10.33 -27.05
C ILE B 177 -5.87 -10.77 -26.28
N ALA B 178 -5.45 -9.97 -25.31
CA ALA B 178 -4.28 -10.30 -24.49
C ALA B 178 -4.24 -9.50 -23.20
N VAL B 179 -3.40 -9.94 -22.28
CA VAL B 179 -3.26 -9.26 -21.00
C VAL B 179 -1.80 -9.02 -20.63
N GLU B 180 -1.52 -7.82 -20.14
CA GLU B 180 -0.19 -7.46 -19.69
C GLU B 180 -0.39 -6.42 -18.59
N MET B 181 0.62 -5.60 -18.26
CA MET B 181 0.43 -4.67 -17.15
C MET B 181 0.80 -3.19 -17.30
N GLU B 182 1.40 -2.80 -18.41
CA GLU B 182 1.85 -1.42 -18.55
C GLU B 182 1.25 -0.54 -19.65
N CYS B 183 0.59 -1.15 -20.63
CA CYS B 183 0.06 -0.37 -21.75
C CYS B 183 -0.89 0.77 -21.42
N ALA B 184 -1.89 0.53 -20.59
CA ALA B 184 -2.83 1.60 -20.23
C ALA B 184 -2.07 2.83 -19.71
N THR B 185 -1.10 2.60 -18.83
CA THR B 185 -0.34 3.71 -18.28
C THR B 185 0.45 4.40 -19.39
N LEU B 186 1.17 3.62 -20.19
CA LEU B 186 1.94 4.17 -21.29
C LEU B 186 1.10 5.05 -22.21
N PHE B 187 0.00 4.50 -22.72
CA PHE B 187 -0.87 5.23 -23.63
C PHE B 187 -1.47 6.51 -23.05
N THR B 188 -2.09 6.39 -21.88
CA THR B 188 -2.74 7.53 -21.25
C THR B 188 -1.75 8.62 -20.86
N LEU B 189 -0.65 8.24 -20.21
CA LEU B 189 0.34 9.24 -19.83
C LEU B 189 0.87 9.93 -21.09
N SER B 190 1.10 9.16 -22.15
CA SER B 190 1.61 9.72 -23.39
C SER B 190 0.65 10.74 -24.01
N LYS B 191 -0.66 10.45 -23.96
CA LYS B 191 -1.65 11.36 -24.52
C LYS B 191 -1.66 12.66 -23.74
N VAL B 192 -1.54 12.56 -22.42
CA VAL B 192 -1.54 13.73 -21.55
C VAL B 192 -0.26 14.55 -21.68
N LYS B 193 0.87 13.87 -21.88
CA LYS B 193 2.16 14.52 -21.99
C LYS B 193 2.56 14.94 -23.41
N GLY B 194 1.89 14.37 -24.40
CA GLY B 194 2.21 14.70 -25.78
C GLY B 194 3.25 13.80 -26.44
N TRP B 195 3.56 12.68 -25.79
CA TRP B 195 4.54 11.74 -26.33
C TRP B 195 3.89 10.83 -27.37
N LYS B 196 4.71 10.29 -28.27
CA LYS B 196 4.21 9.37 -29.29
C LYS B 196 4.58 7.97 -28.85
N SER B 197 3.57 7.13 -28.59
CA SER B 197 3.83 5.78 -28.11
C SER B 197 3.06 4.69 -28.84
N ALA B 198 3.57 3.46 -28.70
CA ALA B 198 2.97 2.29 -29.31
C ALA B 198 3.46 1.07 -28.54
N THR B 199 2.94 -0.11 -28.87
CA THR B 199 3.37 -1.31 -28.16
C THR B 199 3.16 -2.55 -29.00
N VAL B 200 4.13 -3.46 -28.92
CA VAL B 200 4.04 -4.74 -29.59
C VAL B 200 4.37 -5.72 -28.47
N LEU B 201 3.66 -6.84 -28.43
CA LEU B 201 3.89 -7.82 -27.39
C LEU B 201 4.16 -9.20 -28.00
N VAL B 202 5.03 -9.95 -27.33
CA VAL B 202 5.35 -11.30 -27.78
C VAL B 202 4.52 -12.23 -26.91
N VAL B 203 3.76 -13.12 -27.54
CA VAL B 203 2.92 -14.05 -26.82
C VAL B 203 3.74 -15.17 -26.21
N SER B 204 3.84 -15.18 -24.88
CA SER B 204 4.62 -16.21 -24.21
C SER B 204 3.71 -17.26 -23.56
N ASP B 205 2.42 -17.00 -23.52
CA ASP B 205 1.46 -17.92 -22.92
C ASP B 205 0.07 -17.65 -23.47
N ASN B 206 -0.78 -18.67 -23.43
CA ASN B 206 -2.16 -18.52 -23.89
C ASN B 206 -3.09 -18.97 -22.78
N LEU B 207 -3.88 -18.03 -22.28
CA LEU B 207 -4.81 -18.29 -21.18
C LEU B 207 -6.09 -18.98 -21.63
N ALA B 208 -6.36 -18.96 -22.93
CA ALA B 208 -7.57 -19.57 -23.45
C ALA B 208 -7.36 -21.02 -23.87
N LYS B 209 -6.09 -21.41 -24.03
CA LYS B 209 -5.72 -22.76 -24.43
C LYS B 209 -4.83 -23.41 -23.39
N GLU B 217 14.16 -21.98 -27.20
CA GLU B 217 14.95 -21.18 -28.17
C GLU B 217 14.04 -20.59 -29.26
N GLU B 218 12.80 -21.08 -29.32
CA GLU B 218 11.85 -20.56 -30.29
C GLU B 218 11.42 -19.18 -29.82
N LEU B 219 11.26 -19.04 -28.51
CA LEU B 219 10.87 -17.77 -27.91
C LEU B 219 12.01 -16.76 -28.03
N GLU B 220 13.24 -17.24 -27.87
CA GLU B 220 14.41 -16.37 -27.98
C GLU B 220 14.37 -15.68 -29.34
N LYS B 221 14.35 -16.48 -30.40
CA LYS B 221 14.33 -15.95 -31.75
C LYS B 221 13.13 -15.04 -31.97
N SER B 222 11.99 -15.40 -31.40
CA SER B 222 10.80 -14.60 -31.55
C SER B 222 11.06 -13.21 -30.99
N VAL B 223 11.65 -13.16 -29.78
CA VAL B 223 11.97 -11.89 -29.13
C VAL B 223 12.93 -11.06 -29.98
N MET B 224 13.99 -11.69 -30.48
CA MET B 224 14.96 -10.96 -31.31
C MET B 224 14.34 -10.46 -32.62
N ASP B 225 13.60 -11.33 -33.32
CA ASP B 225 12.99 -10.92 -34.57
C ASP B 225 12.08 -9.72 -34.37
N GLY B 226 11.27 -9.77 -33.31
CA GLY B 226 10.36 -8.68 -33.05
C GLY B 226 11.10 -7.39 -32.74
N ALA B 227 12.16 -7.49 -31.96
CA ALA B 227 12.95 -6.32 -31.58
C ALA B 227 13.50 -5.60 -32.80
N LYS B 228 13.90 -6.37 -33.82
CA LYS B 228 14.43 -5.77 -35.03
C LYS B 228 13.32 -5.00 -35.73
N ALA B 229 12.12 -5.57 -35.74
CA ALA B 229 10.98 -4.90 -36.36
C ALA B 229 10.69 -3.58 -35.63
N VAL B 230 10.77 -3.60 -34.30
CA VAL B 230 10.52 -2.40 -33.53
C VAL B 230 11.55 -1.31 -33.79
N LEU B 231 12.82 -1.69 -33.82
CA LEU B 231 13.88 -0.73 -34.09
C LEU B 231 13.70 -0.14 -35.50
N ASP B 232 13.23 -0.96 -36.44
CA ASP B 232 13.01 -0.47 -37.80
C ASP B 232 11.96 0.64 -37.74
N THR B 233 10.88 0.36 -37.01
CA THR B 233 9.78 1.31 -36.86
C THR B 233 10.26 2.60 -36.21
N LEU B 234 10.98 2.47 -35.09
CA LEU B 234 11.49 3.63 -34.37
C LEU B 234 12.41 4.52 -35.21
N THR B 235 13.10 3.92 -36.18
CA THR B 235 14.02 4.66 -37.02
C THR B 235 13.50 4.87 -38.43
N SER B 236 12.19 4.74 -38.60
CA SER B 236 11.57 4.93 -39.91
C SER B 236 10.99 6.33 -40.04
N PRO C 3 6.58 -19.73 -9.35
CA PRO C 3 7.33 -18.47 -9.46
C PRO C 3 7.79 -18.20 -10.89
N VAL C 4 7.28 -17.11 -11.47
CA VAL C 4 7.63 -16.74 -12.84
C VAL C 4 8.76 -15.71 -12.89
N HIS C 5 8.83 -14.85 -11.88
CA HIS C 5 9.85 -13.80 -11.82
C HIS C 5 11.04 -14.13 -10.92
N ILE C 6 10.78 -14.61 -9.71
CA ILE C 6 11.86 -14.97 -8.79
C ILE C 6 12.16 -16.46 -9.00
N LEU C 7 13.20 -16.76 -9.77
CA LEU C 7 13.55 -18.13 -10.07
C LEU C 7 14.50 -18.78 -9.06
N ALA C 8 14.04 -18.93 -7.82
CA ALA C 8 14.84 -19.55 -6.77
C ALA C 8 14.36 -20.98 -6.57
N LYS C 9 15.21 -21.84 -6.03
CA LYS C 9 14.85 -23.24 -5.80
C LYS C 9 14.25 -23.48 -4.42
N LYS C 10 13.85 -24.73 -4.18
CA LYS C 10 13.23 -25.13 -2.92
C LYS C 10 14.16 -24.98 -1.73
N GLY C 11 13.81 -24.10 -0.81
CA GLY C 11 14.60 -23.90 0.39
C GLY C 11 15.63 -22.80 0.37
N GLU C 12 15.73 -22.05 -0.73
CA GLU C 12 16.70 -20.97 -0.82
C GLU C 12 16.19 -19.66 -0.22
N VAL C 13 14.87 -19.46 -0.26
CA VAL C 13 14.28 -18.25 0.30
C VAL C 13 13.93 -18.47 1.77
N ALA C 14 14.43 -17.59 2.63
CA ALA C 14 14.17 -17.68 4.07
C ALA C 14 12.74 -17.30 4.42
N GLU C 15 12.29 -17.73 5.60
CA GLU C 15 10.95 -17.42 6.08
C GLU C 15 10.83 -15.92 6.32
N ARG C 16 11.90 -15.33 6.86
CA ARG C 16 11.93 -13.91 7.15
C ARG C 16 12.69 -13.18 6.05
N VAL C 17 12.08 -12.14 5.51
CA VAL C 17 12.70 -11.39 4.42
C VAL C 17 12.69 -9.89 4.62
N LEU C 18 13.83 -9.26 4.35
CA LEU C 18 13.96 -7.81 4.41
C LEU C 18 13.79 -7.45 2.94
N VAL C 19 12.78 -6.65 2.62
CA VAL C 19 12.55 -6.29 1.23
C VAL C 19 12.82 -4.81 0.98
N VAL C 20 13.50 -4.54 -0.13
CA VAL C 20 13.85 -3.18 -0.53
C VAL C 20 13.51 -3.01 -2.01
N GLY C 21 13.25 -1.78 -2.42
CA GLY C 21 12.90 -1.55 -3.81
C GLY C 21 14.07 -1.54 -4.78
N ASP C 22 15.22 -1.08 -4.30
CA ASP C 22 16.42 -0.93 -5.12
C ASP C 22 17.37 -2.14 -5.06
N PRO C 23 17.59 -2.81 -6.21
CA PRO C 23 18.49 -3.97 -6.24
C PRO C 23 19.88 -3.61 -5.76
N GLY C 24 20.23 -2.33 -5.90
CA GLY C 24 21.54 -1.88 -5.44
C GLY C 24 21.62 -1.97 -3.93
N ARG C 25 20.50 -1.66 -3.26
CA ARG C 25 20.47 -1.71 -1.80
C ARG C 25 20.46 -3.15 -1.30
N ALA C 26 19.82 -4.04 -2.06
CA ALA C 26 19.77 -5.44 -1.70
C ALA C 26 21.20 -5.99 -1.67
N ARG C 27 21.95 -5.72 -2.73
CA ARG C 27 23.33 -6.18 -2.80
C ARG C 27 24.14 -5.56 -1.68
N LEU C 28 24.06 -4.24 -1.53
CA LEU C 28 24.80 -3.54 -0.49
C LEU C 28 24.52 -4.11 0.90
N LEU C 29 23.24 -4.25 1.24
CA LEU C 29 22.88 -4.78 2.56
C LEU C 29 23.25 -6.26 2.73
N SER C 30 23.40 -6.97 1.61
CA SER C 30 23.75 -8.38 1.67
C SER C 30 25.12 -8.57 2.31
N THR C 31 25.91 -7.50 2.38
CA THR C 31 27.24 -7.55 2.96
C THR C 31 27.18 -7.58 4.48
N LEU C 32 25.98 -7.38 5.03
CA LEU C 32 25.80 -7.40 6.47
C LEU C 32 25.50 -8.82 6.92
N LEU C 33 25.32 -9.71 5.97
CA LEU C 33 25.01 -11.11 6.27
C LEU C 33 26.27 -11.98 6.20
N GLN C 34 26.15 -13.20 6.73
CA GLN C 34 27.26 -14.15 6.74
C GLN C 34 27.07 -15.14 5.58
N ASN C 35 28.11 -15.31 4.78
CA ASN C 35 28.07 -16.21 3.62
C ASN C 35 26.81 -16.00 2.79
N PRO C 36 26.60 -14.78 2.28
CA PRO C 36 25.43 -14.44 1.46
C PRO C 36 25.45 -15.15 0.11
N LYS C 37 24.30 -15.68 -0.29
CA LYS C 37 24.17 -16.38 -1.56
C LYS C 37 23.13 -15.71 -2.44
N LEU C 38 23.52 -15.36 -3.67
CA LEU C 38 22.61 -14.74 -4.61
C LEU C 38 21.69 -15.85 -5.13
N THR C 39 20.47 -15.91 -4.61
CA THR C 39 19.52 -16.94 -5.01
C THR C 39 18.73 -16.61 -6.27
N ASN C 40 18.69 -15.33 -6.65
CA ASN C 40 17.97 -14.91 -7.84
C ASN C 40 18.37 -13.53 -8.36
N GLU C 41 18.35 -13.38 -9.67
CA GLU C 41 18.68 -12.11 -10.30
C GLU C 41 17.82 -11.89 -11.53
N ASN C 42 16.89 -12.81 -11.78
CA ASN C 42 15.98 -12.70 -12.91
C ASN C 42 15.17 -11.41 -12.85
N ARG C 43 15.01 -10.78 -14.01
CA ARG C 43 14.26 -9.52 -14.12
C ARG C 43 14.76 -8.44 -13.17
N GLY C 44 16.01 -8.56 -12.76
CA GLY C 44 16.61 -7.58 -11.87
C GLY C 44 16.22 -7.69 -10.41
N PHE C 45 15.32 -8.61 -10.07
CA PHE C 45 14.90 -8.78 -8.68
C PHE C 45 15.91 -9.58 -7.86
N LEU C 46 16.98 -8.92 -7.45
CA LEU C 46 18.02 -9.58 -6.68
C LEU C 46 17.54 -10.03 -5.30
N VAL C 47 17.83 -11.29 -4.99
CA VAL C 47 17.48 -11.86 -3.70
C VAL C 47 18.74 -12.53 -3.16
N TYR C 48 19.05 -12.24 -1.90
CA TYR C 48 20.22 -12.83 -1.26
C TYR C 48 19.77 -13.55 0.00
N THR C 49 20.42 -14.68 0.29
CA THR C 49 20.08 -15.43 1.48
C THR C 49 21.36 -15.70 2.25
N GLY C 50 21.43 -15.17 3.47
CA GLY C 50 22.62 -15.37 4.28
C GLY C 50 22.26 -15.49 5.76
N LYS C 51 23.25 -15.28 6.60
CA LYS C 51 23.04 -15.38 8.05
C LYS C 51 23.23 -14.05 8.76
N TYR C 52 22.46 -13.86 9.82
CA TYR C 52 22.55 -12.66 10.64
C TYR C 52 22.28 -13.13 12.06
N ASN C 53 23.22 -12.88 12.96
CA ASN C 53 23.08 -13.33 14.35
C ASN C 53 22.78 -14.83 14.33
N GLY C 54 23.40 -15.53 13.38
CA GLY C 54 23.21 -16.96 13.26
C GLY C 54 21.80 -17.34 12.90
N GLU C 55 21.09 -16.44 12.22
CA GLU C 55 19.72 -16.70 11.81
C GLU C 55 19.60 -16.52 10.31
N THR C 56 19.00 -17.50 9.63
CA THR C 56 18.83 -17.43 8.19
C THR C 56 17.77 -16.41 7.82
N VAL C 57 18.11 -15.51 6.90
CA VAL C 57 17.20 -14.47 6.44
C VAL C 57 17.56 -14.15 4.99
N SER C 58 16.63 -13.51 4.30
CA SER C 58 16.87 -13.13 2.90
C SER C 58 16.63 -11.64 2.73
N ILE C 59 17.26 -11.07 1.71
CA ILE C 59 17.10 -9.67 1.36
C ILE C 59 16.64 -9.71 -0.08
N ALA C 60 15.45 -9.17 -0.35
CA ALA C 60 14.91 -9.20 -1.68
C ALA C 60 14.56 -7.84 -2.26
N THR C 61 14.63 -7.75 -3.59
CA THR C 61 14.32 -6.53 -4.32
C THR C 61 12.86 -6.61 -4.77
N HIS C 62 12.09 -5.55 -4.58
CA HIS C 62 10.69 -5.56 -4.99
C HIS C 62 10.33 -4.54 -6.08
N GLY C 63 11.31 -3.80 -6.56
CA GLY C 63 11.03 -2.84 -7.61
C GLY C 63 10.11 -1.75 -7.11
N ILE C 64 9.71 -0.85 -8.01
CA ILE C 64 8.88 0.28 -7.65
C ILE C 64 7.38 0.10 -7.94
N GLY C 65 6.54 0.42 -6.95
CA GLY C 65 5.11 0.35 -7.16
C GLY C 65 4.36 -0.87 -6.64
N GLY C 66 3.07 -0.68 -6.40
CA GLY C 66 2.22 -1.75 -5.89
C GLY C 66 2.20 -3.01 -6.73
N PRO C 67 1.97 -2.91 -8.04
CA PRO C 67 1.94 -4.10 -8.91
C PRO C 67 3.24 -4.89 -8.84
N SER C 68 4.36 -4.18 -8.77
CA SER C 68 5.67 -4.83 -8.72
C SER C 68 5.89 -5.54 -7.38
N ILE C 69 5.66 -4.85 -6.27
CA ILE C 69 5.87 -5.48 -4.98
C ILE C 69 4.85 -6.60 -4.73
N ALA C 70 3.65 -6.48 -5.31
CA ALA C 70 2.65 -7.53 -5.12
C ALA C 70 3.16 -8.85 -5.72
N ILE C 71 3.71 -8.77 -6.93
CA ILE C 71 4.26 -9.95 -7.60
C ILE C 71 5.41 -10.57 -6.80
N VAL C 72 6.34 -9.72 -6.36
CA VAL C 72 7.48 -10.21 -5.59
C VAL C 72 7.07 -10.89 -4.29
N LEU C 73 6.16 -10.27 -3.54
CA LEU C 73 5.70 -10.86 -2.28
C LEU C 73 5.02 -12.21 -2.52
N GLU C 74 4.14 -12.25 -3.51
CA GLU C 74 3.42 -13.48 -3.85
C GLU C 74 4.37 -14.63 -4.17
N GLU C 75 5.41 -14.34 -4.97
CA GLU C 75 6.36 -15.37 -5.35
C GLU C 75 7.29 -15.76 -4.20
N LEU C 76 7.70 -14.78 -3.38
CA LEU C 76 8.55 -15.08 -2.25
C LEU C 76 7.76 -15.99 -1.29
N ALA C 77 6.47 -15.69 -1.14
CA ALA C 77 5.61 -16.47 -0.27
C ALA C 77 5.51 -17.91 -0.78
N MET C 78 5.41 -18.05 -2.10
CA MET C 78 5.31 -19.36 -2.71
C MET C 78 6.58 -20.16 -2.45
N LEU C 79 7.68 -19.44 -2.24
CA LEU C 79 8.98 -20.04 -2.00
C LEU C 79 9.30 -20.26 -0.53
N GLY C 80 8.35 -19.94 0.35
CA GLY C 80 8.57 -20.14 1.78
C GLY C 80 8.54 -18.92 2.69
N ALA C 81 8.57 -17.73 2.12
CA ALA C 81 8.56 -16.50 2.92
C ALA C 81 7.17 -16.24 3.53
N ASN C 82 7.15 -15.70 4.75
CA ASN C 82 5.90 -15.38 5.43
C ASN C 82 6.04 -14.17 6.34
N VAL C 83 7.26 -13.65 6.45
CA VAL C 83 7.52 -12.47 7.27
C VAL C 83 8.29 -11.49 6.41
N PHE C 84 7.73 -10.31 6.23
CA PHE C 84 8.35 -9.28 5.38
C PHE C 84 8.46 -7.94 6.07
N ILE C 85 9.66 -7.36 6.03
CA ILE C 85 9.84 -6.03 6.58
C ILE C 85 10.40 -5.18 5.45
N ARG C 86 9.60 -4.22 4.97
CA ARG C 86 10.08 -3.35 3.91
C ARG C 86 10.96 -2.28 4.52
N TYR C 87 12.09 -2.04 3.88
CA TYR C 87 13.02 -1.02 4.32
C TYR C 87 13.26 -0.15 3.09
N GLY C 88 12.70 1.05 3.09
CA GLY C 88 12.86 1.91 1.93
C GLY C 88 13.16 3.37 2.22
N THR C 89 12.91 4.21 1.23
CA THR C 89 13.15 5.64 1.34
C THR C 89 11.81 6.37 1.19
N THR C 90 11.69 7.51 1.86
CA THR C 90 10.45 8.25 1.82
C THR C 90 10.67 9.77 1.82
N GLY C 91 9.60 10.48 1.53
CA GLY C 91 9.63 11.94 1.56
C GLY C 91 8.70 12.38 2.67
N ALA C 92 9.25 13.05 3.68
CA ALA C 92 8.44 13.53 4.80
C ALA C 92 7.41 14.58 4.38
N LEU C 93 6.26 14.57 5.04
CA LEU C 93 5.18 15.52 4.74
C LEU C 93 5.05 16.53 5.87
N VAL C 94 5.97 16.47 6.84
CA VAL C 94 5.98 17.38 7.97
C VAL C 94 7.37 18.00 8.07
N PRO C 95 7.45 19.29 8.45
CA PRO C 95 8.70 20.03 8.58
C PRO C 95 9.70 19.61 9.66
N TYR C 96 9.20 19.04 10.75
CA TYR C 96 10.08 18.65 11.86
C TYR C 96 10.90 17.37 11.73
N ILE C 97 10.81 16.70 10.57
CA ILE C 97 11.58 15.47 10.37
C ILE C 97 12.80 15.72 9.47
N ASN C 98 13.97 15.34 9.96
CA ASN C 98 15.21 15.56 9.23
C ASN C 98 15.61 14.39 8.35
N LEU C 99 16.41 14.68 7.33
CA LEU C 99 16.88 13.68 6.39
C LEU C 99 17.83 12.70 7.10
N GLY C 100 17.68 11.41 6.80
CA GLY C 100 18.53 10.42 7.44
C GLY C 100 17.87 9.83 8.67
N GLU C 101 16.76 10.44 9.08
CA GLU C 101 16.02 9.92 10.22
C GLU C 101 15.05 8.85 9.71
N TYR C 102 14.37 8.16 10.61
CA TYR C 102 13.49 7.08 10.20
C TYR C 102 12.03 7.21 10.57
N ILE C 103 11.19 6.53 9.79
CA ILE C 103 9.77 6.52 10.06
C ILE C 103 9.32 5.07 10.15
N ILE C 104 8.72 4.72 11.27
CA ILE C 104 8.21 3.38 11.47
C ILE C 104 6.73 3.50 11.18
N VAL C 105 6.34 2.88 10.07
CA VAL C 105 5.00 2.93 9.54
C VAL C 105 3.91 2.16 10.31
N THR C 106 2.84 2.87 10.65
CA THR C 106 1.72 2.29 11.38
C THR C 106 0.47 2.04 10.54
N GLY C 107 0.49 2.51 9.30
CA GLY C 107 -0.66 2.34 8.43
C GLY C 107 -0.40 3.07 7.12
N ALA C 108 -1.21 2.78 6.11
CA ALA C 108 -1.01 3.40 4.82
C ALA C 108 -2.30 3.86 4.17
N SER C 109 -2.31 5.13 3.76
CA SER C 109 -3.44 5.71 3.05
C SER C 109 -3.21 5.43 1.57
N TYR C 110 -4.29 5.30 0.81
CA TYR C 110 -4.16 5.01 -0.62
C TYR C 110 -5.42 5.38 -1.39
N ASN C 111 -5.26 5.61 -2.69
CA ASN C 111 -6.39 5.92 -3.53
C ASN C 111 -6.91 4.56 -4.02
N GLN C 112 -8.22 4.39 -4.00
CA GLN C 112 -8.87 3.13 -4.39
C GLN C 112 -8.66 2.77 -5.85
N GLY C 113 -9.05 1.55 -6.22
CA GLY C 113 -8.94 1.12 -7.60
C GLY C 113 -7.86 0.09 -7.89
N GLY C 114 -7.52 0.01 -9.18
CA GLY C 114 -6.52 -0.91 -9.66
C GLY C 114 -6.31 -2.22 -8.91
N LEU C 115 -5.11 -2.37 -8.39
CA LEU C 115 -4.69 -3.55 -7.66
C LEU C 115 -5.61 -3.93 -6.50
N PHE C 116 -6.03 -2.94 -5.71
CA PHE C 116 -6.89 -3.21 -4.58
C PHE C 116 -8.25 -3.77 -4.99
N TYR C 117 -8.80 -3.25 -6.09
CA TYR C 117 -10.10 -3.73 -6.58
C TYR C 117 -9.95 -5.19 -7.06
N GLN C 118 -8.85 -5.51 -7.74
CA GLN C 118 -8.66 -6.87 -8.23
C GLN C 118 -8.51 -7.90 -7.13
N TYR C 119 -7.87 -7.51 -6.04
CA TYR C 119 -7.68 -8.42 -4.91
C TYR C 119 -8.87 -8.45 -3.97
N LEU C 120 -9.41 -7.27 -3.67
CA LEU C 120 -10.52 -7.15 -2.73
C LEU C 120 -11.90 -7.44 -3.31
N ARG C 121 -12.03 -7.29 -4.62
CA ARG C 121 -13.27 -7.53 -5.34
C ARG C 121 -14.32 -6.43 -5.28
N ASP C 122 -14.02 -5.36 -4.53
CA ASP C 122 -14.90 -4.19 -4.50
C ASP C 122 -14.08 -3.01 -3.98
N ASN C 123 -14.71 -1.87 -3.73
CA ASN C 123 -13.96 -0.71 -3.30
C ASN C 123 -13.92 -0.43 -1.81
N ALA C 124 -14.12 -1.46 -1.00
CA ALA C 124 -14.09 -1.30 0.44
C ALA C 124 -12.72 -0.80 0.89
N CYS C 125 -12.70 0.11 1.86
CA CYS C 125 -11.41 0.59 2.35
C CYS C 125 -10.97 -0.33 3.47
N VAL C 126 -10.29 -1.42 3.11
CA VAL C 126 -9.80 -2.36 4.10
C VAL C 126 -8.62 -1.74 4.85
N ALA C 127 -8.61 -1.88 6.17
CA ALA C 127 -7.52 -1.34 6.97
C ALA C 127 -6.17 -1.85 6.45
N SER C 128 -5.32 -0.93 6.04
CA SER C 128 -4.01 -1.28 5.51
C SER C 128 -2.98 -1.00 6.60
N THR C 129 -2.78 -2.01 7.45
CA THR C 129 -1.89 -1.89 8.58
C THR C 129 -0.89 -3.02 8.67
N PRO C 130 0.27 -2.75 9.29
CA PRO C 130 1.30 -3.78 9.44
C PRO C 130 0.94 -4.63 10.66
N ASP C 131 1.75 -5.64 10.91
CA ASP C 131 1.55 -6.49 12.06
C ASP C 131 1.88 -5.68 13.30
N PHE C 132 0.95 -5.67 14.26
CA PHE C 132 1.13 -4.93 15.50
C PHE C 132 2.42 -5.29 16.24
N GLU C 133 2.59 -6.58 16.52
CA GLU C 133 3.77 -7.07 17.23
C GLU C 133 5.09 -6.77 16.55
N LEU C 134 5.16 -7.07 15.26
CA LEU C 134 6.37 -6.85 14.49
C LEU C 134 6.75 -5.36 14.48
N THR C 135 5.73 -4.51 14.41
CA THR C 135 6.00 -3.08 14.39
C THR C 135 6.54 -2.63 15.74
N ASN C 136 6.02 -3.19 16.83
CA ASN C 136 6.53 -2.80 18.14
C ASN C 136 7.97 -3.27 18.32
N LYS C 137 8.33 -4.40 17.72
CA LYS C 137 9.70 -4.89 17.85
C LYS C 137 10.67 -3.97 17.11
N LEU C 138 10.21 -3.38 16.01
CA LEU C 138 11.04 -2.46 15.25
C LEU C 138 11.31 -1.22 16.10
N VAL C 139 10.27 -0.75 16.78
CA VAL C 139 10.40 0.42 17.64
C VAL C 139 11.44 0.15 18.72
N THR C 140 11.35 -1.02 19.35
CA THR C 140 12.29 -1.37 20.40
C THR C 140 13.70 -1.45 19.85
N SER C 141 13.83 -2.06 18.68
CA SER C 141 15.12 -2.23 18.02
C SER C 141 15.78 -0.89 17.69
N PHE C 142 15.02 0.01 17.06
CA PHE C 142 15.56 1.31 16.71
C PHE C 142 15.93 2.15 17.92
N SER C 143 15.02 2.20 18.90
CA SER C 143 15.30 2.98 20.12
C SER C 143 16.48 2.37 20.85
N LYS C 144 16.66 1.06 20.74
CA LYS C 144 17.75 0.37 21.38
C LYS C 144 19.09 0.81 20.79
N ARG C 145 19.11 1.03 19.48
CA ARG C 145 20.31 1.47 18.79
C ARG C 145 20.44 2.99 18.76
N ASN C 146 19.64 3.66 19.60
CA ASN C 146 19.65 5.11 19.68
C ASN C 146 19.48 5.79 18.32
N LEU C 147 18.47 5.35 17.57
CA LEU C 147 18.19 5.91 16.26
C LEU C 147 16.98 6.86 16.35
N LYS C 148 17.02 7.94 15.58
CA LYS C 148 15.95 8.93 15.59
C LYS C 148 14.83 8.49 14.65
N TYR C 149 13.68 8.13 15.22
CA TYR C 149 12.54 7.68 14.43
C TYR C 149 11.24 8.34 14.84
N TYR C 150 10.28 8.31 13.91
CA TYR C 150 8.95 8.87 14.15
C TYR C 150 7.98 7.76 13.75
N VAL C 151 6.89 7.63 14.49
CA VAL C 151 5.91 6.60 14.20
C VAL C 151 4.65 7.23 13.63
N GLY C 152 4.20 6.72 12.49
CA GLY C 152 3.00 7.28 11.89
C GLY C 152 2.60 6.63 10.58
N ASN C 153 1.50 7.13 10.02
CA ASN C 153 0.97 6.64 8.76
C ASN C 153 1.65 7.29 7.56
N VAL C 154 1.59 6.62 6.42
CA VAL C 154 2.16 7.16 5.19
C VAL C 154 1.15 7.04 4.05
N PHE C 155 1.28 7.91 3.06
CA PHE C 155 0.42 7.83 1.90
C PHE C 155 1.19 7.02 0.86
N SER C 156 0.59 5.95 0.34
CA SER C 156 1.23 5.15 -0.70
C SER C 156 0.74 5.65 -2.06
N SER C 157 1.54 6.49 -2.69
CA SER C 157 1.22 7.07 -3.98
C SER C 157 1.52 6.12 -5.13
N ASP C 158 0.75 6.23 -6.22
CA ASP C 158 0.97 5.41 -7.40
C ASP C 158 1.58 6.25 -8.51
N ALA C 159 1.49 7.57 -8.36
CA ALA C 159 2.00 8.49 -9.38
C ALA C 159 3.02 9.47 -8.83
N PHE C 160 4.28 9.06 -8.85
CA PHE C 160 5.38 9.86 -8.35
C PHE C 160 5.39 11.28 -8.93
N TYR C 161 5.13 11.42 -10.23
CA TYR C 161 5.16 12.72 -10.87
C TYR C 161 3.84 13.43 -11.17
N ALA C 162 2.73 12.86 -10.73
CA ALA C 162 1.44 13.51 -10.96
C ALA C 162 1.39 14.80 -10.15
N GLU C 163 0.87 15.86 -10.75
CA GLU C 163 0.78 17.16 -10.08
C GLU C 163 -0.40 17.28 -9.12
N ASP C 164 -0.17 17.96 -8.00
CA ASP C 164 -1.19 18.23 -7.01
C ASP C 164 -0.66 19.39 -6.20
N GLU C 165 -1.18 20.59 -6.47
CA GLU C 165 -0.73 21.80 -5.78
C GLU C 165 -1.10 21.83 -4.30
N GLU C 166 -1.86 20.85 -3.83
CA GLU C 166 -2.26 20.80 -2.44
C GLU C 166 -1.77 19.50 -1.79
N PHE C 167 -0.86 18.82 -2.48
CA PHE C 167 -0.32 17.54 -2.01
C PHE C 167 0.04 17.46 -0.53
N VAL C 168 1.03 18.25 -0.12
CA VAL C 168 1.51 18.22 1.25
C VAL C 168 0.42 18.49 2.28
N LYS C 169 -0.34 19.57 2.12
CA LYS C 169 -1.39 19.89 3.06
C LYS C 169 -2.45 18.79 3.08
N LYS C 170 -2.81 18.30 1.90
CA LYS C 170 -3.82 17.26 1.78
C LYS C 170 -3.48 15.99 2.57
N TRP C 171 -2.35 15.37 2.25
CA TRP C 171 -1.99 14.13 2.93
C TRP C 171 -1.55 14.28 4.39
N SER C 172 -0.94 15.42 4.74
CA SER C 172 -0.52 15.62 6.12
C SER C 172 -1.76 15.92 6.97
N SER C 173 -2.75 16.59 6.37
CA SER C 173 -3.97 16.90 7.11
C SER C 173 -4.79 15.63 7.32
N ARG C 174 -4.44 14.59 6.58
CA ARG C 174 -5.15 13.31 6.68
C ARG C 174 -4.42 12.34 7.61
N GLY C 175 -3.45 12.84 8.36
CA GLY C 175 -2.73 11.99 9.29
C GLY C 175 -1.50 11.25 8.78
N ASN C 176 -1.03 11.58 7.58
CA ASN C 176 0.15 10.91 7.05
C ASN C 176 1.37 11.80 7.27
N ILE C 177 2.48 11.20 7.67
CA ILE C 177 3.69 11.97 7.92
C ILE C 177 4.75 11.78 6.85
N ALA C 178 4.48 10.89 5.89
CA ALA C 178 5.44 10.64 4.82
C ALA C 178 4.75 10.03 3.62
N VAL C 179 5.43 10.04 2.49
CA VAL C 179 4.88 9.45 1.27
C VAL C 179 5.86 8.51 0.60
N GLU C 180 5.36 7.34 0.18
CA GLU C 180 6.15 6.37 -0.53
C GLU C 180 5.20 5.63 -1.47
N MET C 181 5.55 4.45 -1.96
CA MET C 181 4.66 3.82 -2.93
C MET C 181 4.23 2.38 -2.76
N GLU C 182 4.80 1.68 -1.79
CA GLU C 182 4.49 0.25 -1.64
C GLU C 182 3.80 -0.23 -0.37
N CYS C 183 3.80 0.59 0.67
CA CYS C 183 3.21 0.17 1.93
C CYS C 183 1.75 -0.30 1.91
N ALA C 184 0.87 0.47 1.30
CA ALA C 184 -0.54 0.06 1.26
C ALA C 184 -0.66 -1.34 0.65
N THR C 185 0.06 -1.58 -0.44
CA THR C 185 0.01 -2.88 -1.09
C THR C 185 0.55 -3.98 -0.17
N LEU C 186 1.72 -3.71 0.41
CA LEU C 186 2.35 -4.67 1.31
C LEU C 186 1.46 -5.00 2.50
N PHE C 187 0.86 -3.97 3.11
CA PHE C 187 0.00 -4.21 4.26
C PHE C 187 -1.29 -4.94 3.95
N THR C 188 -2.01 -4.48 2.94
CA THR C 188 -3.29 -5.11 2.59
C THR C 188 -3.11 -6.52 2.07
N LEU C 189 -2.16 -6.72 1.17
CA LEU C 189 -1.96 -8.07 0.64
C LEU C 189 -1.57 -9.01 1.77
N SER C 190 -0.71 -8.54 2.68
CA SER C 190 -0.28 -9.37 3.81
C SER C 190 -1.46 -9.77 4.69
N LYS C 191 -2.37 -8.83 4.94
CA LYS C 191 -3.55 -9.13 5.76
C LYS C 191 -4.41 -10.21 5.11
N VAL C 192 -4.56 -10.10 3.79
CA VAL C 192 -5.37 -11.04 3.02
C VAL C 192 -4.71 -12.41 2.85
N LYS C 193 -3.38 -12.44 2.75
CA LYS C 193 -2.64 -13.69 2.56
C LYS C 193 -2.15 -14.32 3.85
N GLY C 194 -2.20 -13.56 4.93
CA GLY C 194 -1.75 -14.08 6.21
C GLY C 194 -0.26 -14.01 6.40
N TRP C 195 0.36 -12.91 5.99
CA TRP C 195 1.80 -12.73 6.16
C TRP C 195 2.00 -11.69 7.25
N LYS C 196 3.14 -11.75 7.93
CA LYS C 196 3.44 -10.79 8.99
C LYS C 196 4.33 -9.71 8.36
N SER C 197 3.84 -8.49 8.28
CA SER C 197 4.62 -7.44 7.64
C SER C 197 4.75 -6.15 8.43
N ALA C 198 5.79 -5.38 8.12
CA ALA C 198 6.06 -4.11 8.77
C ALA C 198 6.90 -3.28 7.81
N THR C 199 7.12 -2.02 8.15
CA THR C 199 7.92 -1.17 7.29
C THR C 199 8.62 -0.06 8.05
N VAL C 200 9.85 0.19 7.66
CA VAL C 200 10.65 1.27 8.24
C VAL C 200 11.16 2.01 7.02
N LEU C 201 11.12 3.33 7.06
CA LEU C 201 11.55 4.15 5.93
C LEU C 201 12.63 5.14 6.32
N VAL C 202 13.59 5.33 5.43
CA VAL C 202 14.66 6.29 5.65
C VAL C 202 14.23 7.54 4.92
N VAL C 203 14.21 8.66 5.64
CA VAL C 203 13.81 9.94 5.07
C VAL C 203 14.90 10.51 4.19
N SER C 204 14.72 10.43 2.87
CA SER C 204 15.72 10.93 1.93
C SER C 204 15.33 12.28 1.38
N ASP C 205 14.18 12.79 1.79
CA ASP C 205 13.69 14.08 1.33
C ASP C 205 12.55 14.57 2.18
N ASN C 206 12.36 15.88 2.23
CA ASN C 206 11.27 16.46 3.00
C ASN C 206 10.44 17.39 2.12
N LEU C 207 9.31 16.89 1.64
CA LEU C 207 8.43 17.67 0.78
C LEU C 207 7.89 18.91 1.45
N ALA C 208 8.04 18.99 2.77
CA ALA C 208 7.58 20.14 3.52
C ALA C 208 8.75 21.11 3.73
N LYS C 209 9.92 20.72 3.22
CA LYS C 209 11.13 21.52 3.32
C LYS C 209 12.09 21.23 2.16
N LYS C 216 25.64 12.33 0.60
CA LYS C 216 25.56 10.98 -0.03
C LYS C 216 26.15 9.91 0.89
N GLU C 217 27.19 10.28 1.64
CA GLU C 217 27.83 9.36 2.57
C GLU C 217 26.96 9.28 3.82
N GLU C 218 26.35 10.42 4.16
CA GLU C 218 25.48 10.49 5.32
C GLU C 218 24.21 9.67 5.13
N LEU C 219 23.69 9.64 3.92
CA LEU C 219 22.48 8.87 3.66
C LEU C 219 22.77 7.39 3.70
N GLU C 220 23.91 6.98 3.16
CA GLU C 220 24.28 5.58 3.15
C GLU C 220 24.55 5.08 4.57
N LYS C 221 25.01 5.97 5.44
CA LYS C 221 25.27 5.61 6.82
C LYS C 221 23.92 5.43 7.49
N SER C 222 22.98 6.28 7.10
CA SER C 222 21.62 6.21 7.64
C SER C 222 21.01 4.88 7.22
N VAL C 223 21.20 4.52 5.96
CA VAL C 223 20.66 3.27 5.44
C VAL C 223 21.28 2.06 6.16
N MET C 224 22.59 2.06 6.29
CA MET C 224 23.30 0.98 6.96
C MET C 224 22.89 0.81 8.41
N ASP C 225 22.81 1.91 9.16
CA ASP C 225 22.44 1.86 10.57
C ASP C 225 21.03 1.29 10.77
N GLY C 226 20.08 1.76 9.96
CA GLY C 226 18.72 1.28 10.08
C GLY C 226 18.60 -0.18 9.69
N ALA C 227 19.41 -0.59 8.71
CA ALA C 227 19.41 -1.96 8.24
C ALA C 227 19.75 -2.92 9.37
N LYS C 228 20.72 -2.54 10.20
CA LYS C 228 21.13 -3.38 11.33
C LYS C 228 19.96 -3.54 12.28
N ALA C 229 19.29 -2.43 12.57
CA ALA C 229 18.14 -2.43 13.47
C ALA C 229 17.03 -3.33 12.92
N VAL C 230 16.79 -3.25 11.62
CA VAL C 230 15.75 -4.07 11.02
C VAL C 230 16.14 -5.54 11.08
N LEU C 231 17.40 -5.83 10.75
CA LEU C 231 17.89 -7.20 10.79
C LEU C 231 17.84 -7.78 12.20
N ASP C 232 18.04 -6.92 13.21
CA ASP C 232 17.98 -7.37 14.60
C ASP C 232 16.57 -7.89 14.85
N THR C 233 15.58 -7.14 14.36
CA THR C 233 14.17 -7.48 14.52
C THR C 233 13.79 -8.75 13.78
N LEU C 234 14.25 -8.89 12.53
CA LEU C 234 13.95 -10.08 11.73
C LEU C 234 14.60 -11.34 12.25
N THR C 235 15.55 -11.20 13.17
CA THR C 235 16.23 -12.37 13.72
C THR C 235 16.08 -12.45 15.23
N SER C 236 15.17 -11.64 15.77
CA SER C 236 14.91 -11.60 17.20
C SER C 236 14.07 -12.79 17.67
S SO4 D . -21.33 0.24 21.90
O1 SO4 D . -21.66 -0.83 22.86
O2 SO4 D . -20.42 -0.31 20.87
O3 SO4 D . -22.57 0.72 21.26
O4 SO4 D . -20.67 1.36 22.61
S SO4 E . 7.55 -7.35 -20.15
O1 SO4 E . 8.09 -8.65 -20.58
O2 SO4 E . 6.10 -7.32 -20.44
O3 SO4 E . 7.79 -7.17 -18.71
O4 SO4 E . 8.22 -6.27 -20.90
S SO4 F . 12.63 2.21 -1.99
O1 SO4 F . 13.85 3.03 -1.80
O2 SO4 F . 11.48 2.92 -1.42
O3 SO4 F . 12.41 1.98 -3.44
O4 SO4 F . 12.82 0.91 -1.32
#